data_1JVZ
#
_entry.id   1JVZ
#
_cell.length_a   74.140
_cell.length_b   74.140
_cell.length_c   379.820
_cell.angle_alpha   90.00
_cell.angle_beta   90.00
_cell.angle_gamma   90.00
#
_symmetry.space_group_name_H-M   'P 41 21 2'
#
loop_
_entity.id
_entity.type
_entity.pdbx_description
1 polymer 'cephalosporin acylase alpha chain'
2 polymer 'cephalosporin acylase beta chain'
3 non-polymer '7BETA-(4CARBOXYBUTANAMIDO) CEPHALOSPORANIC ACID'
4 water water
#
loop_
_entity_poly.entity_id
_entity_poly.type
_entity_poly.pdbx_seq_one_letter_code
_entity_poly.pdbx_strand_id
1 'polypeptide(L)'
;EPTSTPQAPIAAYKPRSNEILWDGYGVPHIYGVDAPSAFYGYGWAQARSHGDNILRLYGEARGKGAEYWGPDYEQTTVWL
LTNGVPERAQQWYAQQSPDFRANLDAFAAGINAYAQQNPDDISPEVRQVLPVSGADVVAHAHRL(MSE)NFLYVASPGRT
LG
;
A
2 'polypeptide(L)'
;SNSWAVAPGKTANGNALLLQNPHLSWTTDYFTYYEAHLVTPDFEIYGATQIGLPVIRFAFNQR(MSE)GITNTVNG
(MSE)VGATNYRLTLQDGGYLYDGQVRPFERRQASYRLRQADGSTVDKPLEIRSSVHGPVFERADGTAVAVRVAGLDRPG
(MSE)LEQYFD(MSE)ITAHSFDDYEAA(MSE)AR(MSE)QVPTFNIVYADREGTINYSFNGVAPKRAEGDIAFWQGNVP
GDSSRYLWTETHPLDDLPRVTNPPGGFVQNSNDPPWTPTWPVTYCPANHPSYLAPQTPHSLRAQQSVRL(MSE)SENDDL
TLERF(MSE)ALQFSHRAV(MSE)ADRTLPDLIPAALIDPDPEVQAAARLLAAWDRDFTSDSRAALLFEEWARLFAGQNF
AGQAAFATPWSLDKPVSTPYGVRDPKAAVDQLRTAIANTKRKYGAIDRPFGDASR(MSE)ILNDVNVPGAAGYGNLGSFR
VFTWSDPDENGIRTPVHGETWVA(MSE)IEFSTPVRAYGL(MSE)SYGNSRQPGTTHYSDQIERVSRADFRELLLRREQV
EAAVQERTPFNF
;
B
#
# COMPACT_ATOMS: atom_id res chain seq x y z
N GLN A 7 -22.01 -13.87 23.08
CA GLN A 7 -21.48 -13.15 24.28
C GLN A 7 -19.96 -13.20 24.33
N ALA A 8 -19.40 -14.38 24.62
CA ALA A 8 -17.94 -14.57 24.69
C ALA A 8 -17.48 -15.26 23.41
N PRO A 9 -16.30 -14.88 22.88
CA PRO A 9 -15.76 -15.47 21.65
C PRO A 9 -15.79 -16.98 21.71
N ILE A 10 -16.02 -17.62 20.56
CA ILE A 10 -16.06 -19.08 20.54
C ILE A 10 -14.74 -19.62 21.08
N ALA A 11 -14.80 -20.78 21.72
CA ALA A 11 -13.60 -21.40 22.30
C ALA A 11 -12.44 -21.45 21.32
N ALA A 12 -11.30 -20.91 21.75
CA ALA A 12 -10.11 -20.91 20.91
C ALA A 12 -9.62 -22.35 20.76
N TYR A 13 -9.00 -22.64 19.62
CA TYR A 13 -8.48 -23.98 19.38
C TYR A 13 -7.14 -24.13 20.09
N LYS A 14 -6.89 -25.30 20.66
CA LYS A 14 -5.63 -25.55 21.36
C LYS A 14 -4.80 -26.54 20.56
N PRO A 15 -3.91 -26.05 19.70
CA PRO A 15 -3.07 -26.95 18.88
C PRO A 15 -2.17 -27.85 19.73
N ARG A 16 -2.25 -29.15 19.49
CA ARG A 16 -1.44 -30.12 20.23
C ARG A 16 -0.30 -30.71 19.40
N SER A 17 0.15 -29.96 18.40
CA SER A 17 1.23 -30.39 17.53
C SER A 17 1.47 -29.34 16.45
N ASN A 18 2.69 -29.29 15.92
CA ASN A 18 3.02 -28.32 14.90
C ASN A 18 2.75 -28.86 13.49
N GLU A 19 1.99 -28.09 12.70
CA GLU A 19 1.65 -28.51 11.35
C GLU A 19 1.02 -27.38 10.52
N ILE A 20 1.25 -27.41 9.21
CA ILE A 20 0.67 -26.41 8.32
C ILE A 20 -0.39 -27.14 7.48
N LEU A 21 -1.64 -26.68 7.52
CA LEU A 21 -2.66 -27.31 6.70
C LEU A 21 -2.96 -26.38 5.53
N TRP A 22 -2.47 -26.74 4.35
CA TRP A 22 -2.66 -25.93 3.16
C TRP A 22 -4.00 -26.21 2.50
N ASP A 23 -4.63 -25.15 1.96
CA ASP A 23 -5.92 -25.31 1.31
C ASP A 23 -5.77 -25.28 -0.21
N GLY A 24 -6.90 -25.43 -0.89
CA GLY A 24 -6.92 -25.46 -2.34
C GLY A 24 -6.27 -24.32 -3.09
N TYR A 25 -6.09 -23.18 -2.42
CA TYR A 25 -5.50 -22.02 -3.07
C TYR A 25 -4.07 -21.70 -2.65
N GLY A 26 -3.46 -22.60 -1.89
CA GLY A 26 -2.10 -22.37 -1.44
C GLY A 26 -2.05 -21.47 -0.22
N VAL A 27 -3.15 -21.44 0.53
CA VAL A 27 -3.22 -20.63 1.74
C VAL A 27 -2.80 -21.49 2.93
N PRO A 28 -1.65 -21.18 3.55
CA PRO A 28 -1.16 -21.93 4.70
C PRO A 28 -1.84 -21.61 6.02
N HIS A 29 -2.22 -22.66 6.74
CA HIS A 29 -2.84 -22.51 8.05
C HIS A 29 -1.83 -23.08 9.06
N ILE A 30 -0.97 -22.20 9.58
CA ILE A 30 0.06 -22.60 10.53
C ILE A 30 -0.44 -22.80 11.96
N TYR A 31 -0.17 -23.98 12.52
CA TYR A 31 -0.55 -24.31 13.89
C TYR A 31 0.68 -24.63 14.72
N GLY A 32 0.91 -23.84 15.77
CA GLY A 32 2.06 -24.06 16.64
C GLY A 32 1.67 -24.27 18.10
N VAL A 33 2.43 -25.10 18.81
CA VAL A 33 2.14 -25.36 20.21
C VAL A 33 2.56 -24.16 21.04
N ASP A 34 3.24 -23.22 20.39
CA ASP A 34 3.68 -21.99 21.03
C ASP A 34 4.07 -20.94 19.99
N ALA A 35 4.31 -19.72 20.45
CA ALA A 35 4.66 -18.60 19.58
C ALA A 35 5.80 -18.86 18.59
N PRO A 36 7.01 -19.20 19.08
CA PRO A 36 8.15 -19.46 18.21
C PRO A 36 7.85 -20.51 17.13
N SER A 37 7.07 -21.52 17.50
CA SER A 37 6.70 -22.57 16.58
C SER A 37 5.91 -21.98 15.41
N ALA A 38 4.94 -21.14 15.75
CA ALA A 38 4.09 -20.51 14.75
C ALA A 38 4.86 -19.58 13.82
N PHE A 39 5.89 -18.92 14.34
CA PHE A 39 6.66 -18.03 13.50
C PHE A 39 7.55 -18.83 12.57
N TYR A 40 7.96 -20.02 13.03
CA TYR A 40 8.80 -20.91 12.23
C TYR A 40 7.96 -21.42 11.06
N GLY A 41 6.72 -21.81 11.37
CA GLY A 41 5.82 -22.29 10.34
C GLY A 41 5.59 -21.20 9.32
N TYR A 42 5.36 -19.99 9.81
CA TYR A 42 5.13 -18.84 8.94
C TYR A 42 6.34 -18.62 8.03
N GLY A 43 7.54 -18.71 8.60
CA GLY A 43 8.75 -18.53 7.82
C GLY A 43 8.86 -19.58 6.74
N TRP A 44 8.52 -20.81 7.09
CA TRP A 44 8.55 -21.92 6.16
C TRP A 44 7.56 -21.67 5.02
N ALA A 45 6.32 -21.32 5.38
CA ALA A 45 5.27 -21.06 4.40
C ALA A 45 5.67 -19.99 3.40
N GLN A 46 6.19 -18.86 3.89
CA GLN A 46 6.57 -17.79 2.99
C GLN A 46 7.73 -18.17 2.08
N ALA A 47 8.61 -19.04 2.56
CA ALA A 47 9.74 -19.49 1.77
C ALA A 47 9.18 -20.32 0.61
N ARG A 48 8.29 -21.24 0.94
CA ARG A 48 7.66 -22.10 -0.05
C ARG A 48 6.96 -21.30 -1.14
N SER A 49 6.19 -20.30 -0.73
CA SER A 49 5.41 -19.48 -1.66
C SER A 49 6.10 -18.32 -2.38
N HIS A 50 7.08 -17.67 -1.76
CA HIS A 50 7.76 -16.54 -2.39
C HIS A 50 9.24 -16.51 -2.12
N GLY A 51 9.78 -17.65 -1.70
CA GLY A 51 11.19 -17.78 -1.38
C GLY A 51 12.22 -17.01 -2.19
N ASP A 52 12.11 -17.07 -3.52
CA ASP A 52 13.08 -16.37 -4.36
C ASP A 52 13.16 -14.88 -4.10
N ASN A 53 12.04 -14.18 -4.24
CA ASN A 53 12.02 -12.74 -4.03
C ASN A 53 12.34 -12.33 -2.59
N ILE A 54 11.92 -13.14 -1.63
CA ILE A 54 12.20 -12.81 -0.24
C ILE A 54 13.70 -12.82 0.00
N LEU A 55 14.38 -13.85 -0.49
CA LEU A 55 15.81 -13.95 -0.31
C LEU A 55 16.53 -12.80 -1.03
N ARG A 56 16.01 -12.43 -2.19
CA ARG A 56 16.62 -11.34 -2.96
C ARG A 56 16.48 -10.02 -2.22
N LEU A 57 15.28 -9.78 -1.67
CA LEU A 57 15.03 -8.55 -0.94
C LEU A 57 15.86 -8.51 0.35
N TYR A 58 15.93 -9.63 1.05
CA TYR A 58 16.72 -9.71 2.28
C TYR A 58 18.16 -9.41 1.89
N GLY A 59 18.57 -9.92 0.74
CA GLY A 59 19.92 -9.68 0.27
C GLY A 59 20.22 -8.21 0.09
N GLU A 60 19.29 -7.47 -0.49
CA GLU A 60 19.50 -6.04 -0.71
C GLU A 60 19.53 -5.32 0.63
N ALA A 61 18.70 -5.77 1.57
CA ALA A 61 18.64 -5.15 2.89
C ALA A 61 19.99 -5.19 3.61
N ARG A 62 20.81 -6.19 3.30
CA ARG A 62 22.13 -6.29 3.92
C ARG A 62 23.05 -5.26 3.29
N GLY A 63 22.62 -4.67 2.19
CA GLY A 63 23.45 -3.71 1.51
C GLY A 63 24.42 -4.45 0.61
N LYS A 64 24.02 -5.66 0.20
CA LYS A 64 24.86 -6.49 -0.65
C LYS A 64 24.27 -6.79 -2.03
N GLY A 65 23.27 -6.01 -2.42
CA GLY A 65 22.63 -6.20 -3.70
C GLY A 65 23.62 -6.11 -4.85
N ALA A 66 24.49 -5.12 -4.81
CA ALA A 66 25.47 -4.95 -5.87
C ALA A 66 26.49 -6.07 -5.86
N GLU A 67 26.81 -6.56 -4.68
CA GLU A 67 27.78 -7.63 -4.55
C GLU A 67 27.21 -8.94 -5.07
N TYR A 68 25.96 -9.22 -4.73
CA TYR A 68 25.32 -10.45 -5.14
C TYR A 68 24.85 -10.50 -6.59
N TRP A 69 24.25 -9.41 -7.06
CA TRP A 69 23.71 -9.38 -8.41
C TRP A 69 24.15 -8.26 -9.35
N GLY A 70 25.27 -7.62 -9.03
CA GLY A 70 25.80 -6.58 -9.89
C GLY A 70 25.16 -5.20 -9.98
N PRO A 71 25.52 -4.46 -11.04
CA PRO A 71 25.15 -3.10 -11.47
C PRO A 71 23.70 -2.63 -11.35
N ASP A 72 22.75 -3.45 -11.76
CA ASP A 72 21.37 -3.02 -11.68
C ASP A 72 20.86 -2.92 -10.25
N TYR A 73 21.71 -3.22 -9.28
CA TYR A 73 21.31 -3.14 -7.87
C TYR A 73 22.21 -2.19 -7.07
N GLU A 74 23.22 -1.64 -7.75
CA GLU A 74 24.18 -0.72 -7.14
C GLU A 74 23.58 0.56 -6.58
N GLN A 75 22.60 1.15 -7.27
CA GLN A 75 21.96 2.38 -6.81
C GLN A 75 21.35 2.20 -5.42
N THR A 76 20.57 1.14 -5.26
CA THR A 76 19.93 0.83 -3.99
C THR A 76 21.00 0.57 -2.92
N THR A 77 22.03 -0.20 -3.29
CA THR A 77 23.10 -0.49 -2.35
C THR A 77 23.65 0.80 -1.74
N VAL A 78 24.01 1.74 -2.61
CA VAL A 78 24.54 3.02 -2.17
C VAL A 78 23.54 3.76 -1.27
N TRP A 79 22.28 3.78 -1.69
CA TRP A 79 21.25 4.45 -0.93
C TRP A 79 21.14 3.88 0.48
N LEU A 80 21.11 2.55 0.60
CA LEU A 80 20.98 1.94 1.92
C LEU A 80 22.25 2.05 2.80
N LEU A 81 23.41 2.11 2.17
CA LEU A 81 24.64 2.21 2.93
C LEU A 81 24.83 3.61 3.50
N THR A 82 24.62 4.62 2.65
CA THR A 82 24.79 6.00 3.08
C THR A 82 23.87 6.33 4.26
N ASN A 83 22.73 5.66 4.34
CA ASN A 83 21.78 5.86 5.43
C ASN A 83 21.98 4.81 6.51
N GLY A 84 23.07 4.07 6.37
CA GLY A 84 23.41 3.02 7.33
C GLY A 84 22.31 2.11 7.80
N VAL A 85 21.44 1.69 6.88
CA VAL A 85 20.33 0.81 7.22
C VAL A 85 20.75 -0.57 7.73
N PRO A 86 21.62 -1.28 6.99
CA PRO A 86 22.05 -2.61 7.44
C PRO A 86 22.64 -2.66 8.86
N GLU A 87 23.42 -1.64 9.24
CA GLU A 87 23.99 -1.64 10.58
C GLU A 87 22.93 -1.28 11.63
N ARG A 88 22.07 -0.31 11.32
CA ARG A 88 21.02 0.06 12.27
C ARG A 88 20.09 -1.14 12.50
N ALA A 89 20.01 -2.02 11.50
CA ALA A 89 19.19 -3.20 11.57
C ALA A 89 19.77 -4.14 12.64
N GLN A 90 21.09 -4.21 12.71
CA GLN A 90 21.73 -5.06 13.70
C GLN A 90 21.42 -4.48 15.09
N GLN A 91 21.44 -3.15 15.20
CA GLN A 91 21.14 -2.48 16.46
C GLN A 91 19.70 -2.76 16.89
N TRP A 92 18.76 -2.49 15.99
CA TRP A 92 17.35 -2.72 16.27
C TRP A 92 17.13 -4.17 16.68
N TYR A 93 17.80 -5.09 16.00
CA TYR A 93 17.65 -6.51 16.32
C TYR A 93 18.04 -6.76 17.78
N ALA A 94 19.20 -6.23 18.16
CA ALA A 94 19.71 -6.39 19.52
C ALA A 94 18.80 -5.72 20.56
N GLN A 95 18.14 -4.63 20.17
CA GLN A 95 17.26 -3.89 21.07
C GLN A 95 15.88 -4.51 21.21
N GLN A 96 15.62 -5.60 20.51
CA GLN A 96 14.30 -6.24 20.59
C GLN A 96 14.12 -6.82 21.99
N SER A 97 12.91 -7.20 22.34
CA SER A 97 12.69 -7.80 23.64
C SER A 97 13.04 -9.27 23.48
N PRO A 98 13.49 -9.93 24.56
CA PRO A 98 13.84 -11.34 24.47
C PRO A 98 12.76 -12.23 23.86
N ASP A 99 11.51 -12.01 24.27
CA ASP A 99 10.38 -12.77 23.74
C ASP A 99 10.27 -12.67 22.23
N PHE A 100 10.10 -11.44 21.76
CA PHE A 100 9.96 -11.18 20.33
C PHE A 100 11.18 -11.54 19.50
N ARG A 101 12.38 -11.42 20.07
CA ARG A 101 13.58 -11.74 19.32
C ARG A 101 13.59 -13.24 19.04
N ALA A 102 13.02 -14.00 19.97
CA ALA A 102 12.95 -15.45 19.81
C ALA A 102 12.04 -15.75 18.62
N ASN A 103 10.93 -15.00 18.52
CA ASN A 103 9.99 -15.19 17.43
C ASN A 103 10.64 -14.87 16.11
N LEU A 104 11.33 -13.73 16.04
CA LEU A 104 12.01 -13.32 14.82
C LEU A 104 13.02 -14.40 14.39
N ASP A 105 13.77 -14.93 15.36
CA ASP A 105 14.76 -15.96 15.07
C ASP A 105 14.11 -17.21 14.47
N ALA A 106 12.95 -17.57 15.01
CA ALA A 106 12.22 -18.73 14.53
C ALA A 106 11.80 -18.53 13.07
N PHE A 107 11.32 -17.35 12.75
CA PHE A 107 10.89 -17.02 11.41
C PHE A 107 12.02 -17.25 10.41
N ALA A 108 13.20 -16.72 10.72
CA ALA A 108 14.34 -16.88 9.83
C ALA A 108 14.72 -18.36 9.72
N ALA A 109 14.66 -19.07 10.84
CA ALA A 109 14.99 -20.50 10.88
C ALA A 109 14.04 -21.26 9.95
N GLY A 110 12.77 -20.86 9.98
CA GLY A 110 11.77 -21.50 9.12
C GLY A 110 12.14 -21.37 7.65
N ILE A 111 12.52 -20.16 7.25
CA ILE A 111 12.92 -19.91 5.88
C ILE A 111 14.13 -20.77 5.55
N ASN A 112 15.09 -20.82 6.47
CA ASN A 112 16.28 -21.62 6.26
C ASN A 112 15.92 -23.10 6.13
N ALA A 113 15.11 -23.59 7.06
CA ALA A 113 14.70 -24.98 7.06
C ALA A 113 14.07 -25.41 5.74
N TYR A 114 13.14 -24.60 5.22
CA TYR A 114 12.49 -24.95 3.96
C TYR A 114 13.51 -25.11 2.85
N ALA A 115 14.46 -24.18 2.77
CA ALA A 115 15.48 -24.22 1.73
C ALA A 115 16.38 -25.43 1.89
N GLN A 116 16.56 -25.85 3.13
CA GLN A 116 17.40 -27.01 3.44
C GLN A 116 16.73 -28.30 2.98
N GLN A 117 15.41 -28.40 3.13
CA GLN A 117 14.68 -29.58 2.73
C GLN A 117 14.23 -29.56 1.27
N ASN A 118 14.30 -28.40 0.63
CA ASN A 118 13.86 -28.25 -0.76
C ASN A 118 14.79 -27.36 -1.57
N PRO A 119 16.08 -27.70 -1.63
CA PRO A 119 17.02 -26.88 -2.39
C PRO A 119 16.68 -26.66 -3.85
N ASP A 120 15.92 -27.58 -4.44
CA ASP A 120 15.56 -27.47 -5.84
C ASP A 120 14.59 -26.33 -6.13
N ASP A 121 13.85 -25.91 -5.10
CA ASP A 121 12.89 -24.82 -5.26
C ASP A 121 13.50 -23.43 -5.09
N ILE A 122 14.83 -23.36 -5.01
CA ILE A 122 15.49 -22.07 -4.84
C ILE A 122 16.30 -21.68 -6.06
N SER A 123 15.97 -20.54 -6.63
CA SER A 123 16.69 -20.07 -7.80
C SER A 123 18.18 -19.98 -7.47
N PRO A 124 19.02 -20.51 -8.35
CA PRO A 124 20.48 -20.48 -8.13
C PRO A 124 21.01 -19.13 -7.65
N GLU A 125 20.66 -18.07 -8.36
CA GLU A 125 21.12 -16.73 -8.06
C GLU A 125 20.91 -16.17 -6.64
N VAL A 126 19.96 -16.73 -5.90
CA VAL A 126 19.73 -16.25 -4.54
C VAL A 126 20.13 -17.25 -3.46
N ARG A 127 20.74 -18.35 -3.89
CA ARG A 127 21.17 -19.37 -2.95
C ARG A 127 22.29 -18.84 -2.05
N GLN A 128 23.03 -17.85 -2.54
CA GLN A 128 24.15 -17.29 -1.80
C GLN A 128 23.72 -16.44 -0.60
N VAL A 129 22.46 -16.05 -0.59
CA VAL A 129 21.93 -15.24 0.50
C VAL A 129 21.81 -16.06 1.77
N LEU A 130 21.43 -17.33 1.63
CA LEU A 130 21.27 -18.21 2.77
C LEU A 130 22.58 -18.39 3.54
N PRO A 131 22.48 -18.56 4.87
CA PRO A 131 21.24 -18.60 5.65
C PRO A 131 20.87 -17.19 6.13
N VAL A 132 19.59 -16.99 6.44
CA VAL A 132 19.12 -15.70 6.90
C VAL A 132 18.99 -15.67 8.41
N SER A 133 18.93 -14.47 8.96
CA SER A 133 18.85 -14.26 10.41
C SER A 133 17.79 -13.24 10.80
N GLY A 134 17.39 -13.29 12.07
CA GLY A 134 16.41 -12.36 12.57
C GLY A 134 16.77 -10.92 12.21
N ALA A 135 18.06 -10.61 12.18
CA ALA A 135 18.49 -9.26 11.82
C ALA A 135 18.07 -8.95 10.39
N ASP A 136 18.18 -9.94 9.51
CA ASP A 136 17.79 -9.77 8.10
C ASP A 136 16.31 -9.41 8.02
N VAL A 137 15.50 -10.07 8.85
CA VAL A 137 14.07 -9.82 8.87
C VAL A 137 13.84 -8.38 9.31
N VAL A 138 14.56 -7.96 10.34
CA VAL A 138 14.43 -6.60 10.85
C VAL A 138 14.90 -5.58 9.81
N ALA A 139 16.05 -5.85 9.21
CA ALA A 139 16.61 -4.94 8.21
C ALA A 139 15.62 -4.65 7.08
N HIS A 140 15.11 -5.70 6.46
CA HIS A 140 14.16 -5.52 5.36
C HIS A 140 12.96 -4.68 5.79
N ALA A 141 12.41 -4.99 6.96
CA ALA A 141 11.28 -4.23 7.47
C ALA A 141 11.69 -2.76 7.60
N HIS A 142 12.86 -2.52 8.18
CA HIS A 142 13.36 -1.16 8.35
C HIS A 142 13.51 -0.47 7.01
N ARG A 143 13.97 -1.22 6.00
CA ARG A 143 14.13 -0.65 4.67
C ARG A 143 12.78 -0.28 4.05
N LEU A 144 11.82 -1.20 4.15
CA LEU A 144 10.51 -0.98 3.59
C LEU A 144 9.81 0.24 4.21
N ASN A 146 10.95 2.85 6.53
CA ASN A 146 11.67 4.11 6.52
C ASN A 146 12.37 4.55 5.23
N PHE A 147 12.85 3.61 4.42
CA PHE A 147 13.54 4.04 3.21
C PHE A 147 12.95 3.63 1.87
N LEU A 148 11.63 3.45 1.87
CA LEU A 148 10.89 3.13 0.65
C LEU A 148 9.59 3.91 0.76
N TYR A 149 8.88 3.72 1.86
CA TYR A 149 7.64 4.43 2.06
C TYR A 149 7.87 5.88 2.51
N VAL A 150 8.53 6.04 3.65
CA VAL A 150 8.78 7.37 4.21
C VAL A 150 9.83 8.22 3.50
N ALA A 151 11.07 7.75 3.49
CA ALA A 151 12.13 8.51 2.84
C ALA A 151 12.62 7.78 1.60
N SER A 152 11.97 8.03 0.46
CA SER A 152 12.35 7.37 -0.78
C SER A 152 13.57 8.00 -1.44
N PRO A 153 14.35 7.19 -2.16
CA PRO A 153 15.55 7.70 -2.85
C PRO A 153 15.17 8.72 -3.92
N GLY A 154 13.92 8.65 -4.35
CA GLY A 154 13.44 9.57 -5.36
C GLY A 154 13.40 11.01 -4.88
N ARG A 155 12.63 11.26 -3.83
CA ARG A 155 12.50 12.61 -3.30
C ARG A 155 13.83 13.26 -2.86
N THR A 156 14.79 12.45 -2.43
CA THR A 156 16.06 13.00 -2.01
C THR A 156 16.96 13.32 -3.21
N LEU A 157 16.89 12.49 -4.24
CA LEU A 157 17.72 12.68 -5.43
C LEU A 157 17.07 13.45 -6.59
N GLY A 158 15.77 13.28 -6.78
CA GLY A 158 15.08 13.96 -7.86
C GLY A 158 14.52 12.96 -8.86
N SER B 1 -5.86 2.85 -2.38
CA SER B 1 -6.28 1.93 -1.28
C SER B 1 -7.57 2.44 -0.64
N ASN B 2 -8.43 1.52 -0.22
CA ASN B 2 -9.70 1.86 0.41
C ASN B 2 -9.76 1.24 1.80
N SER B 3 -10.66 1.76 2.65
CA SER B 3 -10.82 1.25 3.99
C SER B 3 -12.17 1.69 4.56
N TRP B 4 -12.87 0.74 5.17
CA TRP B 4 -14.17 1.01 5.79
C TRP B 4 -14.32 0.24 7.09
N ALA B 5 -15.00 0.87 8.05
CA ALA B 5 -15.30 0.26 9.33
C ALA B 5 -16.70 0.75 9.67
N VAL B 6 -17.60 -0.18 9.94
CA VAL B 6 -18.99 0.14 10.25
C VAL B 6 -19.40 -0.18 11.69
N ALA B 7 -19.94 0.84 12.38
CA ALA B 7 -20.40 0.69 13.75
C ALA B 7 -21.62 -0.23 13.74
N PRO B 8 -21.81 -1.03 14.79
CA PRO B 8 -22.95 -1.95 14.87
C PRO B 8 -24.31 -1.33 14.58
N GLY B 9 -24.50 -0.10 15.03
CA GLY B 9 -25.77 0.58 14.81
C GLY B 9 -26.10 0.85 13.35
N LYS B 10 -25.10 0.84 12.50
CA LYS B 10 -25.31 1.09 11.08
C LYS B 10 -25.57 -0.21 10.33
N THR B 11 -25.51 -1.33 11.03
CA THR B 11 -25.72 -2.63 10.39
C THR B 11 -27.04 -3.25 10.76
N ALA B 12 -27.41 -4.29 10.02
CA ALA B 12 -28.66 -5.00 10.25
C ALA B 12 -28.57 -5.89 11.48
N ASN B 13 -27.53 -6.72 11.51
CA ASN B 13 -27.34 -7.66 12.61
C ASN B 13 -26.65 -7.09 13.86
N GLY B 14 -26.08 -5.90 13.74
CA GLY B 14 -25.46 -5.30 14.91
C GLY B 14 -24.00 -5.64 15.21
N ASN B 15 -23.31 -6.29 14.27
CA ASN B 15 -21.90 -6.61 14.45
C ASN B 15 -21.11 -5.70 13.51
N ALA B 16 -19.96 -5.22 13.96
CA ALA B 16 -19.13 -4.32 13.15
C ALA B 16 -18.65 -4.96 11.85
N LEU B 17 -18.44 -4.12 10.82
CA LEU B 17 -17.98 -4.59 9.51
C LEU B 17 -16.66 -3.92 9.13
N LEU B 18 -15.77 -4.67 8.48
CA LEU B 18 -14.46 -4.14 8.10
C LEU B 18 -14.02 -4.52 6.68
N LEU B 19 -13.45 -3.54 5.97
CA LEU B 19 -12.97 -3.74 4.62
C LEU B 19 -11.46 -3.55 4.51
N GLN B 20 -10.76 -4.55 3.98
CA GLN B 20 -9.32 -4.46 3.76
C GLN B 20 -9.22 -4.33 2.25
N ASN B 21 -8.62 -3.24 1.78
CA ASN B 21 -8.55 -2.98 0.35
C ASN B 21 -7.34 -2.17 -0.06
N PRO B 22 -6.12 -2.67 0.19
CA PRO B 22 -4.90 -1.95 -0.18
C PRO B 22 -4.62 -1.98 -1.69
N HIS B 23 -4.12 -0.88 -2.22
CA HIS B 23 -3.80 -0.79 -3.66
C HIS B 23 -2.29 -0.65 -3.89
N LEU B 24 -1.70 -1.59 -4.62
CA LEU B 24 -0.26 -1.54 -4.89
C LEU B 24 0.07 -2.19 -6.22
N SER B 25 1.30 -1.94 -6.71
CA SER B 25 1.78 -2.51 -7.96
C SER B 25 1.60 -4.02 -7.99
N TRP B 26 1.24 -4.52 -9.17
CA TRP B 26 1.03 -5.96 -9.37
C TRP B 26 2.34 -6.65 -9.70
N THR B 27 3.41 -5.90 -9.91
CA THR B 27 4.69 -6.52 -10.25
C THR B 27 5.86 -6.25 -9.29
N THR B 28 5.89 -5.09 -8.67
CA THR B 28 6.98 -4.76 -7.74
C THR B 28 7.07 -5.82 -6.62
N ASP B 29 8.21 -6.49 -6.53
CA ASP B 29 8.38 -7.56 -5.56
C ASP B 29 8.10 -7.26 -4.10
N TYR B 30 8.69 -6.20 -3.54
CA TYR B 30 8.45 -5.90 -2.15
C TYR B 30 7.03 -5.44 -1.83
N PHE B 31 6.21 -5.27 -2.87
CA PHE B 31 4.82 -4.85 -2.69
C PHE B 31 3.84 -6.02 -2.80
N THR B 32 4.36 -7.22 -2.94
CA THR B 32 3.49 -8.39 -3.09
C THR B 32 2.88 -8.80 -1.76
N TYR B 33 1.56 -8.99 -1.75
CA TYR B 33 0.87 -9.40 -0.53
C TYR B 33 0.72 -10.91 -0.47
N TYR B 34 0.78 -11.45 0.74
CA TYR B 34 0.67 -12.89 0.98
C TYR B 34 -0.45 -13.14 1.99
N GLU B 35 -1.20 -14.21 1.81
CA GLU B 35 -2.30 -14.55 2.72
C GLU B 35 -1.93 -15.74 3.61
N ALA B 36 -2.15 -15.62 4.92
CA ALA B 36 -1.83 -16.71 5.85
C ALA B 36 -2.75 -16.72 7.06
N HIS B 37 -2.56 -17.74 7.90
CA HIS B 37 -3.37 -17.93 9.09
C HIS B 37 -2.49 -18.61 10.13
N LEU B 38 -2.29 -17.93 11.27
CA LEU B 38 -1.46 -18.46 12.36
C LEU B 38 -2.28 -18.77 13.59
N VAL B 39 -2.08 -19.94 14.19
CA VAL B 39 -2.83 -20.34 15.38
C VAL B 39 -1.98 -21.01 16.46
N THR B 40 -2.04 -20.48 17.68
CA THR B 40 -1.33 -21.06 18.82
C THR B 40 -2.36 -21.17 19.94
N PRO B 41 -1.97 -21.78 21.07
CA PRO B 41 -2.95 -21.89 22.16
C PRO B 41 -3.31 -20.52 22.72
N ASP B 42 -2.47 -19.53 22.45
CA ASP B 42 -2.69 -18.19 22.98
C ASP B 42 -3.14 -17.09 22.02
N PHE B 43 -3.18 -17.36 20.73
CA PHE B 43 -3.63 -16.33 19.80
C PHE B 43 -3.95 -16.86 18.40
N GLU B 44 -4.59 -16.01 17.61
CA GLU B 44 -4.97 -16.36 16.25
C GLU B 44 -4.90 -15.11 15.38
N ILE B 45 -4.45 -15.28 14.14
CA ILE B 45 -4.31 -14.16 13.21
C ILE B 45 -4.46 -14.59 11.74
N TYR B 46 -5.46 -14.05 11.05
CA TYR B 46 -5.68 -14.36 9.64
C TYR B 46 -5.45 -13.07 8.87
N GLY B 47 -4.94 -13.17 7.64
CA GLY B 47 -4.73 -11.94 6.88
C GLY B 47 -3.58 -11.88 5.89
N ALA B 48 -3.42 -10.71 5.27
CA ALA B 48 -2.37 -10.50 4.27
C ALA B 48 -1.29 -9.54 4.75
N THR B 49 -0.08 -9.70 4.20
CA THR B 49 1.03 -8.85 4.57
C THR B 49 2.06 -8.87 3.44
N GLN B 50 2.95 -7.89 3.40
CA GLN B 50 3.96 -7.88 2.35
C GLN B 50 4.92 -9.06 2.53
N ILE B 51 5.38 -9.67 1.44
CA ILE B 51 6.27 -10.81 1.57
C ILE B 51 7.54 -10.39 2.31
N GLY B 52 8.05 -11.26 3.18
CA GLY B 52 9.24 -10.93 3.93
C GLY B 52 8.96 -10.44 5.35
N LEU B 53 7.76 -9.90 5.58
CA LEU B 53 7.38 -9.42 6.90
C LEU B 53 6.90 -10.57 7.80
N PRO B 54 7.42 -10.66 9.03
CA PRO B 54 7.05 -11.72 9.98
C PRO B 54 5.73 -11.47 10.71
N VAL B 55 5.09 -10.35 10.40
CA VAL B 55 3.81 -10.02 11.03
C VAL B 55 2.76 -9.68 9.97
N ILE B 56 1.49 -9.91 10.29
CA ILE B 56 0.39 -9.64 9.35
C ILE B 56 -0.17 -8.22 9.50
N ARG B 57 0.20 -7.33 8.58
CA ARG B 57 -0.27 -5.95 8.64
C ARG B 57 -1.79 -5.79 8.46
N PHE B 58 -2.39 -6.61 7.59
CA PHE B 58 -3.82 -6.54 7.38
C PHE B 58 -4.39 -7.81 8.01
N ALA B 59 -4.66 -7.75 9.30
CA ALA B 59 -5.16 -8.92 10.02
C ALA B 59 -6.53 -8.80 10.70
N PHE B 60 -7.08 -9.95 11.07
CA PHE B 60 -8.35 -10.01 11.78
C PHE B 60 -8.44 -11.39 12.42
N ASN B 61 -9.39 -11.56 13.33
CA ASN B 61 -9.61 -12.84 14.00
C ASN B 61 -11.01 -12.86 14.57
N GLN B 62 -11.26 -13.73 15.54
CA GLN B 62 -12.60 -13.81 16.12
C GLN B 62 -12.93 -12.60 16.98
N ARG B 63 -11.90 -11.80 17.32
CA ARG B 63 -12.08 -10.65 18.19
C ARG B 63 -11.96 -9.26 17.55
N GLY B 65 -9.87 -6.63 14.12
CA GLY B 65 -9.24 -6.54 12.81
C GLY B 65 -8.86 -5.10 12.48
N ILE B 66 -7.86 -4.93 11.63
CA ILE B 66 -7.41 -3.59 11.22
C ILE B 66 -7.07 -3.61 9.73
N THR B 67 -6.85 -2.42 9.18
CA THR B 67 -6.48 -2.29 7.78
C THR B 67 -5.64 -1.02 7.60
N ASN B 68 -4.97 -0.89 6.46
CA ASN B 68 -4.07 0.24 6.23
C ASN B 68 -4.20 0.95 4.88
N THR B 69 -3.91 2.24 4.87
CA THR B 69 -3.92 3.04 3.64
C THR B 69 -2.79 4.04 3.73
N VAL B 70 -2.40 4.60 2.61
CA VAL B 70 -1.30 5.54 2.60
C VAL B 70 -1.75 6.96 2.96
N ASN B 71 -1.05 7.60 3.90
CA ASN B 71 -1.38 8.97 4.32
C ASN B 71 -0.23 9.92 3.98
N GLY B 72 0.90 9.34 3.56
CA GLY B 72 2.06 10.13 3.18
C GLY B 72 2.84 10.86 4.26
N VAL B 74 4.89 13.01 6.29
CA VAL B 74 6.16 13.60 5.90
C VAL B 74 7.21 13.41 7.02
N GLY B 75 7.64 12.17 7.20
CA GLY B 75 8.61 11.86 8.24
C GLY B 75 10.06 12.16 7.93
N ALA B 76 10.32 12.86 6.83
CA ALA B 76 11.70 13.18 6.48
C ALA B 76 11.80 14.57 5.85
N THR B 77 13.00 15.15 5.95
CA THR B 77 13.25 16.48 5.39
C THR B 77 14.50 16.45 4.53
N ASN B 78 14.42 17.11 3.37
CA ASN B 78 15.55 17.19 2.47
C ASN B 78 16.07 18.63 2.54
N TYR B 79 17.22 18.81 3.18
CA TYR B 79 17.79 20.14 3.31
C TYR B 79 18.75 20.46 2.19
N ARG B 80 18.70 21.69 1.71
CA ARG B 80 19.61 22.15 0.66
C ARG B 80 20.79 22.75 1.40
N LEU B 81 21.99 22.28 1.10
CA LEU B 81 23.18 22.79 1.76
C LEU B 81 23.85 23.87 0.93
N THR B 82 24.60 24.72 1.61
CA THR B 82 25.34 25.80 0.96
C THR B 82 26.81 25.44 1.12
N LEU B 83 27.36 24.80 0.10
CA LEU B 83 28.75 24.39 0.14
C LEU B 83 29.67 25.61 0.21
N GLN B 84 30.72 25.51 1.02
CA GLN B 84 31.68 26.59 1.19
C GLN B 84 32.93 26.15 1.93
N ASP B 85 34.10 26.46 1.35
CA ASP B 85 35.39 26.12 1.95
C ASP B 85 35.50 24.68 2.45
N GLY B 86 35.14 23.73 1.59
CA GLY B 86 35.21 22.33 1.97
C GLY B 86 34.18 21.89 2.99
N GLY B 87 33.44 22.83 3.54
CA GLY B 87 32.41 22.50 4.51
C GLY B 87 31.08 23.05 4.04
N TYR B 88 30.20 23.37 4.99
CA TYR B 88 28.89 23.91 4.67
C TYR B 88 28.52 25.03 5.64
N LEU B 89 27.95 26.10 5.10
CA LEU B 89 27.57 27.26 5.90
C LEU B 89 26.38 26.92 6.79
N TYR B 90 26.51 27.18 8.09
CA TYR B 90 25.45 26.90 9.04
C TYR B 90 25.50 27.96 10.14
N ASP B 91 24.34 28.50 10.50
CA ASP B 91 24.26 29.54 11.52
C ASP B 91 25.39 30.54 11.44
N GLY B 92 25.62 31.08 10.24
CA GLY B 92 26.67 32.07 10.04
C GLY B 92 28.11 31.61 9.97
N GLN B 93 28.34 30.31 10.12
CA GLN B 93 29.71 29.79 10.08
C GLN B 93 29.89 28.58 9.17
N VAL B 94 31.10 28.40 8.67
CA VAL B 94 31.42 27.27 7.78
C VAL B 94 31.75 26.03 8.63
N ARG B 95 30.77 25.18 8.86
CA ARG B 95 30.98 23.96 9.66
C ARG B 95 31.50 22.81 8.79
N PRO B 96 32.32 21.91 9.36
CA PRO B 96 32.86 20.78 8.61
C PRO B 96 31.90 19.58 8.55
N PHE B 97 32.13 18.70 7.58
CA PHE B 97 31.31 17.49 7.39
C PHE B 97 31.90 16.32 8.16
N GLU B 98 31.06 15.36 8.52
CA GLU B 98 31.53 14.14 9.17
C GLU B 98 31.80 13.21 7.97
N ARG B 99 33.03 12.76 7.84
CA ARG B 99 33.39 11.89 6.71
C ARG B 99 33.79 10.48 7.13
N ARG B 100 33.17 9.50 6.50
CA ARG B 100 33.41 8.10 6.77
C ARG B 100 33.66 7.36 5.46
N GLN B 101 34.85 6.82 5.29
CA GLN B 101 35.17 6.08 4.07
C GLN B 101 34.80 4.62 4.23
N ALA B 102 33.80 4.19 3.47
CA ALA B 102 33.32 2.81 3.49
C ALA B 102 33.59 2.19 2.12
N SER B 103 33.04 1.01 1.88
CA SER B 103 33.23 0.34 0.61
C SER B 103 32.25 -0.81 0.41
N TYR B 104 32.10 -1.26 -0.82
CA TYR B 104 31.21 -2.36 -1.10
C TYR B 104 31.67 -3.10 -2.36
N ARG B 105 31.19 -4.33 -2.53
CA ARG B 105 31.57 -5.14 -3.68
C ARG B 105 30.57 -5.07 -4.83
N LEU B 106 31.07 -4.93 -6.04
CA LEU B 106 30.22 -4.88 -7.24
C LEU B 106 30.49 -6.11 -8.09
N ARG B 107 29.48 -6.95 -8.28
CA ARG B 107 29.65 -8.15 -9.09
C ARG B 107 29.92 -7.82 -10.56
N GLN B 108 30.89 -8.51 -11.14
CA GLN B 108 31.25 -8.29 -12.54
C GLN B 108 30.61 -9.32 -13.47
N ALA B 109 30.49 -8.95 -14.75
CA ALA B 109 29.88 -9.82 -15.75
C ALA B 109 30.44 -11.26 -15.78
N ASP B 110 31.70 -11.41 -15.41
CA ASP B 110 32.33 -12.72 -15.41
C ASP B 110 32.15 -13.48 -14.08
N GLY B 111 31.55 -12.83 -13.09
CA GLY B 111 31.35 -13.50 -11.82
C GLY B 111 32.22 -13.00 -10.68
N SER B 112 33.34 -12.34 -11.01
CA SER B 112 34.24 -11.83 -10.00
C SER B 112 33.68 -10.54 -9.42
N THR B 113 34.19 -10.14 -8.25
CA THR B 113 33.72 -8.91 -7.59
C THR B 113 34.81 -7.86 -7.43
N VAL B 114 34.52 -6.65 -7.89
CA VAL B 114 35.45 -5.54 -7.78
C VAL B 114 35.10 -4.75 -6.53
N ASP B 115 36.12 -4.23 -5.86
CA ASP B 115 35.92 -3.45 -4.65
C ASP B 115 35.73 -1.99 -5.04
N LYS B 116 34.68 -1.36 -4.53
CA LYS B 116 34.42 0.04 -4.87
C LYS B 116 34.32 0.99 -3.67
N PRO B 117 35.05 2.12 -3.74
CA PRO B 117 35.08 3.15 -2.70
C PRO B 117 33.74 3.87 -2.58
N LEU B 118 33.37 4.23 -1.36
CA LEU B 118 32.13 4.95 -1.11
C LEU B 118 32.31 5.85 0.10
N GLU B 119 32.36 7.16 -0.14
CA GLU B 119 32.51 8.11 0.95
C GLU B 119 31.14 8.55 1.47
N ILE B 120 30.99 8.52 2.79
CA ILE B 120 29.73 8.93 3.39
C ILE B 120 29.92 10.22 4.19
N ARG B 121 29.44 11.34 3.65
CA ARG B 121 29.55 12.63 4.32
C ARG B 121 28.25 12.94 5.04
N SER B 122 28.35 13.55 6.21
CA SER B 122 27.16 13.90 6.99
C SER B 122 27.24 15.32 7.52
N SER B 123 26.08 15.97 7.60
CA SER B 123 26.00 17.31 8.13
C SER B 123 25.21 17.09 9.41
N VAL B 124 25.02 18.14 10.21
CA VAL B 124 24.27 18.00 11.45
C VAL B 124 22.85 17.48 11.16
N HIS B 125 22.41 17.64 9.92
CA HIS B 125 21.09 17.18 9.48
C HIS B 125 21.07 15.66 9.32
N GLY B 126 21.96 15.14 8.48
CA GLY B 126 22.04 13.72 8.24
C GLY B 126 22.90 13.41 7.03
N PRO B 127 22.76 12.21 6.44
CA PRO B 127 23.57 11.86 5.26
C PRO B 127 23.42 12.88 4.13
N VAL B 128 24.51 13.11 3.41
CA VAL B 128 24.51 14.06 2.31
C VAL B 128 24.64 13.39 0.95
N PHE B 129 23.78 13.79 0.02
CA PHE B 129 23.78 13.26 -1.33
C PHE B 129 23.92 14.43 -2.31
N GLU B 130 24.40 14.15 -3.51
CA GLU B 130 24.53 15.19 -4.52
C GLU B 130 23.65 14.83 -5.71
N ARG B 131 22.74 15.73 -6.09
CA ARG B 131 21.85 15.48 -7.22
C ARG B 131 22.56 15.71 -8.55
N ALA B 132 21.98 15.20 -9.63
CA ALA B 132 22.58 15.35 -10.95
C ALA B 132 22.82 16.83 -11.28
N ASP B 133 21.90 17.70 -10.88
CA ASP B 133 22.06 19.13 -11.15
C ASP B 133 23.18 19.78 -10.33
N GLY B 134 23.80 19.01 -9.45
CA GLY B 134 24.88 19.56 -8.64
C GLY B 134 24.47 20.06 -7.26
N THR B 135 23.19 19.94 -6.92
CA THR B 135 22.70 20.36 -5.61
C THR B 135 23.05 19.38 -4.49
N ALA B 136 23.63 19.91 -3.41
CA ALA B 136 24.00 19.12 -2.25
C ALA B 136 22.81 19.04 -1.31
N VAL B 137 22.30 17.84 -1.08
CA VAL B 137 21.14 17.64 -0.21
C VAL B 137 21.41 16.70 0.96
N ALA B 138 20.92 17.09 2.14
CA ALA B 138 21.08 16.27 3.35
C ALA B 138 19.69 15.81 3.75
N VAL B 139 19.55 14.52 4.03
CA VAL B 139 18.26 13.97 4.40
C VAL B 139 18.21 13.58 5.87
N ARG B 140 17.19 14.08 6.57
CA ARG B 140 17.02 13.81 7.99
C ARG B 140 15.74 13.03 8.16
N VAL B 141 15.88 11.76 8.53
CA VAL B 141 14.74 10.87 8.73
C VAL B 141 14.39 10.71 10.19
N ALA B 142 13.12 10.92 10.52
CA ALA B 142 12.67 10.81 11.89
C ALA B 142 12.43 9.35 12.27
N GLY B 143 12.37 9.10 13.58
CA GLY B 143 12.12 7.76 14.09
C GLY B 143 13.20 6.70 13.91
N LEU B 144 14.43 7.11 13.60
CA LEU B 144 15.50 6.14 13.42
C LEU B 144 15.76 5.37 14.71
N ASP B 145 15.13 5.81 15.80
CA ASP B 145 15.29 5.18 17.10
C ASP B 145 14.05 4.43 17.59
N ARG B 146 13.26 3.90 16.65
CA ARG B 146 12.05 3.13 16.98
C ARG B 146 12.22 1.70 16.47
N PRO B 147 12.96 0.87 17.22
CA PRO B 147 13.20 -0.52 16.84
C PRO B 147 12.02 -1.47 17.00
N GLY B 148 10.90 -0.97 17.54
CA GLY B 148 9.77 -1.85 17.74
C GLY B 148 8.63 -1.88 16.73
N LEU B 150 7.85 -3.98 14.16
CA LEU B 150 7.21 -5.28 14.06
C LEU B 150 6.42 -5.69 15.29
N GLU B 151 7.00 -5.52 16.48
CA GLU B 151 6.30 -5.91 17.69
C GLU B 151 5.06 -5.05 17.97
N GLN B 152 5.07 -3.79 17.54
CA GLN B 152 3.90 -2.95 17.78
C GLN B 152 2.75 -3.58 17.01
N TYR B 153 2.99 -3.89 15.73
CA TYR B 153 1.95 -4.51 14.91
C TYR B 153 1.49 -5.81 15.53
N PHE B 154 2.43 -6.62 16.02
CA PHE B 154 2.07 -7.89 16.63
C PHE B 154 1.16 -7.71 17.83
N ASP B 155 1.49 -6.76 18.70
CA ASP B 155 0.66 -6.52 19.87
C ASP B 155 -0.67 -5.92 19.46
N ILE B 157 -2.48 -6.28 16.69
CA ILE B 157 -3.39 -7.31 16.16
C ILE B 157 -3.74 -8.46 17.08
N THR B 158 -3.01 -8.60 18.19
CA THR B 158 -3.32 -9.66 19.16
C THR B 158 -3.96 -9.06 20.40
N ALA B 159 -4.26 -7.76 20.33
CA ALA B 159 -4.88 -7.06 21.44
C ALA B 159 -6.18 -7.68 21.91
N HIS B 160 -6.39 -7.72 23.22
CA HIS B 160 -7.61 -8.29 23.78
C HIS B 160 -8.67 -7.24 24.00
N SER B 161 -8.30 -5.97 23.86
CA SER B 161 -9.24 -4.88 24.04
C SER B 161 -8.79 -3.68 23.24
N PHE B 162 -9.74 -2.79 22.92
CA PHE B 162 -9.41 -1.61 22.17
C PHE B 162 -8.37 -0.82 22.96
N ASP B 163 -8.52 -0.83 24.29
CA ASP B 163 -7.59 -0.09 25.13
C ASP B 163 -6.16 -0.58 24.97
N ASP B 164 -5.97 -1.90 25.04
CA ASP B 164 -4.64 -2.45 24.85
C ASP B 164 -4.16 -2.03 23.46
N TYR B 165 -5.05 -2.15 22.48
CA TYR B 165 -4.75 -1.78 21.10
C TYR B 165 -4.17 -0.36 21.05
N GLU B 166 -4.93 0.60 21.58
CA GLU B 166 -4.47 1.98 21.60
C GLU B 166 -3.15 2.13 22.35
N ALA B 167 -3.00 1.36 23.42
CA ALA B 167 -1.78 1.38 24.22
C ALA B 167 -0.60 1.01 23.32
N ALA B 168 -0.79 -0.01 22.49
CA ALA B 168 0.24 -0.46 21.57
C ALA B 168 0.59 0.63 20.56
N ALA B 170 0.20 3.72 20.74
CA ALA B 170 0.83 4.85 21.43
C ALA B 170 2.36 4.82 21.51
N ARG B 171 2.95 3.64 21.35
CA ARG B 171 4.41 3.52 21.42
C ARG B 171 5.11 4.27 20.29
N GLN B 173 5.87 3.44 17.13
CA GLN B 173 6.92 2.65 16.48
C GLN B 173 6.65 2.39 14.98
N VAL B 174 5.43 2.65 14.52
CA VAL B 174 5.09 2.50 13.10
C VAL B 174 5.11 3.92 12.52
N PRO B 175 6.15 4.23 11.73
CA PRO B 175 6.38 5.53 11.09
C PRO B 175 5.35 6.15 10.16
N THR B 176 4.35 5.39 9.73
CA THR B 176 3.37 5.95 8.79
C THR B 176 2.07 5.16 8.66
N PHE B 177 1.25 5.57 7.70
CA PHE B 177 -0.02 4.92 7.39
C PHE B 177 -1.23 5.38 8.18
N ASN B 178 -2.40 5.25 7.56
CA ASN B 178 -3.67 5.55 8.22
C ASN B 178 -4.07 4.14 8.60
N ILE B 179 -4.65 3.96 9.78
CA ILE B 179 -5.05 2.62 10.22
C ILE B 179 -6.48 2.62 10.76
N VAL B 180 -7.27 1.66 10.30
CA VAL B 180 -8.65 1.53 10.72
C VAL B 180 -8.83 0.28 11.58
N TYR B 181 -9.74 0.35 12.56
CA TYR B 181 -9.96 -0.74 13.50
C TYR B 181 -11.45 -1.05 13.68
N ALA B 182 -11.73 -2.27 14.14
CA ALA B 182 -13.11 -2.71 14.39
C ALA B 182 -13.01 -4.03 15.14
N ASP B 183 -13.91 -4.25 16.11
CA ASP B 183 -13.88 -5.49 16.88
C ASP B 183 -15.27 -6.02 17.21
N ARG B 184 -15.32 -7.19 17.84
CA ARG B 184 -16.60 -7.81 18.18
C ARG B 184 -17.32 -7.07 19.28
N GLU B 185 -16.62 -6.18 19.97
CA GLU B 185 -17.23 -5.39 21.04
C GLU B 185 -18.08 -4.27 20.47
N GLY B 186 -17.79 -3.87 19.23
CA GLY B 186 -18.57 -2.82 18.60
C GLY B 186 -17.85 -1.50 18.41
N THR B 187 -16.54 -1.49 18.65
CA THR B 187 -15.79 -0.26 18.51
C THR B 187 -15.12 -0.15 17.16
N ILE B 188 -15.19 1.03 16.56
CA ILE B 188 -14.54 1.29 15.28
C ILE B 188 -13.68 2.52 15.48
N ASN B 189 -12.56 2.59 14.77
CA ASN B 189 -11.64 3.71 14.91
C ASN B 189 -10.82 3.99 13.65
N TYR B 190 -10.48 5.28 13.46
CA TYR B 190 -9.63 5.71 12.35
C TYR B 190 -8.42 6.42 13.01
N SER B 191 -7.24 6.28 12.43
CA SER B 191 -6.04 6.91 13.00
C SER B 191 -5.00 7.37 11.98
N PHE B 192 -4.68 8.66 11.99
CA PHE B 192 -3.67 9.21 11.10
C PHE B 192 -2.36 8.90 11.84
N ASN B 193 -1.85 7.69 11.68
CA ASN B 193 -0.63 7.29 12.39
C ASN B 193 0.69 7.60 11.69
N GLY B 194 1.76 7.64 12.48
CA GLY B 194 3.08 7.92 11.93
C GLY B 194 3.89 8.81 12.85
N VAL B 195 5.18 8.93 12.58
CA VAL B 195 6.06 9.76 13.39
C VAL B 195 6.33 11.11 12.71
N ALA B 196 5.70 12.17 13.22
CA ALA B 196 5.86 13.50 12.64
C ALA B 196 6.69 14.44 13.48
N PRO B 197 7.72 15.06 12.87
CA PRO B 197 8.60 16.00 13.55
C PRO B 197 7.82 17.21 14.06
N LYS B 198 8.20 17.72 15.22
CA LYS B 198 7.55 18.91 15.78
C LYS B 198 8.23 20.11 15.16
N ARG B 199 7.43 21.00 14.58
CA ARG B 199 7.95 22.20 13.93
C ARG B 199 7.18 23.43 14.37
N ALA B 200 7.86 24.58 14.34
CA ALA B 200 7.24 25.83 14.77
C ALA B 200 6.78 26.71 13.62
N GLU B 201 7.08 26.33 12.39
CA GLU B 201 6.67 27.14 11.25
C GLU B 201 6.70 26.36 9.93
N GLY B 202 5.93 26.85 8.95
CA GLY B 202 5.89 26.21 7.65
C GLY B 202 4.78 25.19 7.41
N ASP B 203 4.05 25.34 6.30
CA ASP B 203 2.98 24.42 5.94
C ASP B 203 3.59 23.14 5.37
N ILE B 204 2.77 22.10 5.21
CA ILE B 204 3.27 20.85 4.69
C ILE B 204 4.04 21.03 3.37
N ALA B 205 3.53 21.87 2.48
CA ALA B 205 4.19 22.11 1.21
C ALA B 205 5.63 22.56 1.43
N PHE B 206 5.83 23.43 2.42
CA PHE B 206 7.17 23.93 2.74
C PHE B 206 8.12 22.80 3.10
N TRP B 207 7.67 21.91 3.97
CA TRP B 207 8.52 20.80 4.40
C TRP B 207 8.71 19.69 3.38
N GLN B 208 7.91 19.70 2.31
CA GLN B 208 8.05 18.68 1.27
C GLN B 208 9.09 19.11 0.24
N GLY B 209 9.47 20.38 0.29
CA GLY B 209 10.47 20.88 -0.64
C GLY B 209 11.81 21.05 0.05
N ASN B 210 12.80 21.52 -0.70
CA ASN B 210 14.13 21.73 -0.13
C ASN B 210 14.11 22.80 0.94
N VAL B 211 14.27 22.38 2.19
CA VAL B 211 14.28 23.30 3.32
C VAL B 211 15.71 23.83 3.48
N PRO B 212 15.87 25.12 3.83
CA PRO B 212 17.22 25.69 3.99
C PRO B 212 18.07 24.92 4.99
N GLY B 213 19.26 24.51 4.57
CA GLY B 213 20.14 23.77 5.46
C GLY B 213 21.34 24.59 5.91
N ASP B 214 21.09 25.84 6.30
CA ASP B 214 22.16 26.73 6.73
C ASP B 214 21.80 27.44 8.03
N SER B 215 20.80 26.92 8.72
CA SER B 215 20.33 27.52 9.97
C SER B 215 19.71 26.48 10.92
N SER B 216 20.05 26.59 12.20
CA SER B 216 19.52 25.68 13.21
C SER B 216 18.04 25.96 13.41
N ARG B 217 17.53 26.91 12.66
CA ARG B 217 16.13 27.30 12.75
C ARG B 217 15.21 26.18 12.26
N TYR B 218 15.68 25.43 11.27
CA TYR B 218 14.90 24.34 10.67
C TYR B 218 15.31 22.94 11.11
N LEU B 219 16.17 22.86 12.12
CA LEU B 219 16.63 21.56 12.60
C LEU B 219 15.76 21.02 13.72
N TRP B 220 14.66 20.35 13.37
CA TRP B 220 13.77 19.79 14.38
C TRP B 220 14.46 18.65 15.13
N THR B 221 13.97 18.34 16.32
CA THR B 221 14.59 17.28 17.10
C THR B 221 13.57 16.44 17.85
N GLU B 222 12.31 16.87 17.87
CA GLU B 222 11.27 16.13 18.57
C GLU B 222 10.15 15.68 17.65
N THR B 223 9.37 14.71 18.11
CA THR B 223 8.26 14.20 17.32
C THR B 223 6.97 14.20 18.13
N HIS B 224 5.83 14.23 17.44
CA HIS B 224 4.51 14.26 18.07
C HIS B 224 4.02 12.99 18.75
N PRO B 225 3.22 13.14 19.81
CA PRO B 225 2.64 12.02 20.55
C PRO B 225 1.36 11.63 19.81
N LEU B 226 0.88 10.41 20.03
CA LEU B 226 -0.32 9.96 19.35
C LEU B 226 -1.48 10.95 19.49
N ASP B 227 -1.55 11.64 20.62
CA ASP B 227 -2.64 12.58 20.86
C ASP B 227 -2.61 13.88 20.06
N ASP B 228 -1.55 14.11 19.30
CA ASP B 228 -1.47 15.32 18.50
C ASP B 228 -1.93 15.04 17.08
N LEU B 229 -2.22 13.78 16.78
CA LEU B 229 -2.63 13.37 15.45
C LEU B 229 -4.13 13.14 15.27
N PRO B 230 -4.67 13.48 14.09
CA PRO B 230 -6.09 13.32 13.76
C PRO B 230 -6.57 11.91 13.99
N ARG B 231 -7.59 11.74 14.83
CA ARG B 231 -8.11 10.41 15.11
C ARG B 231 -9.62 10.45 15.34
N VAL B 232 -10.29 9.35 15.02
CA VAL B 232 -11.73 9.26 15.18
C VAL B 232 -12.14 7.93 15.78
N THR B 233 -13.03 7.95 16.77
CA THR B 233 -13.49 6.72 17.41
C THR B 233 -14.99 6.76 17.65
N ASN B 234 -15.70 5.71 17.22
CA ASN B 234 -17.16 5.63 17.40
C ASN B 234 -17.85 6.97 17.15
N PRO B 235 -17.67 7.55 15.95
CA PRO B 235 -18.27 8.83 15.59
C PRO B 235 -19.79 8.74 15.46
N PRO B 236 -20.46 9.91 15.43
CA PRO B 236 -21.92 9.97 15.30
C PRO B 236 -22.38 9.34 13.99
N GLY B 237 -21.53 9.45 12.97
CA GLY B 237 -21.87 8.92 11.66
C GLY B 237 -22.00 7.42 11.58
N GLY B 238 -21.36 6.69 12.49
CA GLY B 238 -21.45 5.25 12.48
C GLY B 238 -20.45 4.56 11.56
N PHE B 239 -19.39 5.25 11.16
CA PHE B 239 -18.39 4.67 10.29
C PHE B 239 -17.17 5.55 10.11
N VAL B 240 -16.10 4.97 9.59
CA VAL B 240 -14.87 5.69 9.30
C VAL B 240 -14.39 5.21 7.95
N GLN B 241 -13.58 6.02 7.28
CA GLN B 241 -13.08 5.65 5.96
C GLN B 241 -11.90 6.49 5.52
N ASN B 242 -11.14 5.94 4.59
CA ASN B 242 -10.01 6.66 4.02
C ASN B 242 -9.62 5.97 2.74
N SER B 243 -9.40 6.78 1.71
CA SER B 243 -9.02 6.30 0.39
C SER B 243 -7.83 7.11 -0.10
N ASN B 244 -6.82 7.25 0.75
CA ASN B 244 -5.62 8.00 0.44
C ASN B 244 -5.88 9.51 0.34
N ASP B 245 -7.07 9.92 0.74
CA ASP B 245 -7.43 11.33 0.72
C ASP B 245 -7.02 11.97 2.04
N PRO B 246 -6.83 13.31 2.06
CA PRO B 246 -6.45 13.98 3.31
C PRO B 246 -7.47 13.56 4.37
N PRO B 247 -7.04 13.49 5.64
CA PRO B 247 -7.85 13.09 6.79
C PRO B 247 -8.98 14.04 7.22
N TRP B 248 -9.44 14.87 6.29
CA TRP B 248 -10.48 15.83 6.64
C TRP B 248 -11.93 15.38 6.47
N THR B 249 -12.11 14.15 5.99
CA THR B 249 -13.46 13.60 5.83
C THR B 249 -13.41 12.12 6.20
N PRO B 250 -12.93 11.80 7.41
CA PRO B 250 -12.84 10.41 7.86
C PRO B 250 -14.21 9.84 8.17
N THR B 251 -15.19 10.72 8.35
CA THR B 251 -16.53 10.30 8.66
C THR B 251 -17.50 11.44 8.36
N TRP B 252 -18.79 11.12 8.35
CA TRP B 252 -19.82 12.12 8.06
C TRP B 252 -20.96 11.99 9.06
N PRO B 253 -21.21 13.04 9.85
CA PRO B 253 -20.51 14.33 9.90
C PRO B 253 -19.08 14.26 10.46
N VAL B 254 -18.24 15.21 10.08
CA VAL B 254 -16.86 15.22 10.57
C VAL B 254 -16.85 15.49 12.07
N THR B 255 -15.70 15.28 12.70
CA THR B 255 -15.52 15.48 14.14
C THR B 255 -14.40 16.46 14.46
N TYR B 256 -13.83 17.05 13.41
CA TYR B 256 -12.77 18.03 13.57
C TYR B 256 -12.49 18.64 12.21
N CYS B 257 -11.53 19.54 12.13
CA CYS B 257 -11.23 20.16 10.85
C CYS B 257 -9.79 20.65 10.81
N PRO B 258 -9.25 20.88 9.60
CA PRO B 258 -7.88 21.34 9.39
C PRO B 258 -7.29 22.29 10.44
N ALA B 259 -8.08 23.27 10.87
CA ALA B 259 -7.61 24.27 11.86
C ALA B 259 -7.21 23.69 13.22
N ASN B 260 -7.64 22.47 13.53
CA ASN B 260 -7.34 21.83 14.81
C ASN B 260 -5.96 21.17 14.91
N HIS B 261 -5.21 21.15 13.81
CA HIS B 261 -3.89 20.52 13.81
C HIS B 261 -2.87 21.39 13.08
N PRO B 262 -1.57 21.21 13.39
CA PRO B 262 -0.55 22.01 12.70
C PRO B 262 -0.63 21.77 11.20
N SER B 263 -0.42 22.82 10.42
CA SER B 263 -0.53 22.74 8.96
C SER B 263 0.48 21.86 8.21
N TYR B 264 1.43 21.26 8.93
CA TYR B 264 2.41 20.42 8.27
C TYR B 264 2.10 18.92 8.34
N LEU B 265 0.99 18.55 8.99
CA LEU B 265 0.66 17.14 9.09
C LEU B 265 0.17 16.52 7.79
N ALA B 266 -0.89 17.06 7.21
CA ALA B 266 -1.46 16.55 5.95
C ALA B 266 -1.77 17.66 4.95
N PRO B 267 -1.97 17.30 3.68
CA PRO B 267 -2.28 18.34 2.69
C PRO B 267 -3.75 18.75 2.82
N GLN B 268 -4.11 19.83 2.15
CA GLN B 268 -5.49 20.29 2.16
C GLN B 268 -5.93 20.46 0.72
N THR B 269 -5.66 19.43 -0.07
CA THR B 269 -5.98 19.41 -1.50
C THR B 269 -7.33 18.75 -1.80
N PRO B 270 -7.91 19.02 -2.98
CA PRO B 270 -9.19 18.46 -3.39
C PRO B 270 -9.20 16.93 -3.29
N HIS B 271 -10.20 16.37 -2.60
CA HIS B 271 -10.29 14.92 -2.46
C HIS B 271 -10.65 14.29 -3.81
N SER B 272 -10.03 13.15 -4.10
CA SER B 272 -10.26 12.43 -5.34
C SER B 272 -11.71 12.01 -5.46
N LEU B 273 -12.17 11.79 -6.70
CA LEU B 273 -13.54 11.37 -6.94
C LEU B 273 -13.81 10.01 -6.34
N ARG B 274 -12.80 9.15 -6.29
CA ARG B 274 -12.98 7.83 -5.69
C ARG B 274 -13.21 8.00 -4.18
N ALA B 275 -12.47 8.93 -3.57
CA ALA B 275 -12.60 9.18 -2.14
C ALA B 275 -13.99 9.73 -1.85
N GLN B 276 -14.49 10.53 -2.77
CA GLN B 276 -15.82 11.10 -2.62
C GLN B 276 -16.85 9.99 -2.69
N GLN B 277 -16.67 9.06 -3.62
CA GLN B 277 -17.59 7.92 -3.74
C GLN B 277 -17.59 7.12 -2.45
N SER B 278 -16.44 7.11 -1.77
CA SER B 278 -16.28 6.38 -0.51
C SER B 278 -17.20 6.91 0.56
N VAL B 279 -17.16 8.23 0.77
CA VAL B 279 -18.00 8.87 1.77
C VAL B 279 -19.48 8.72 1.44
N ARG B 280 -19.80 8.76 0.15
CA ARG B 280 -21.18 8.63 -0.30
C ARG B 280 -21.73 7.21 -0.13
N LEU B 281 -20.94 6.22 -0.51
CA LEU B 281 -21.37 4.84 -0.41
C LEU B 281 -21.64 4.39 1.02
N SER B 283 -22.13 6.78 3.97
CA SER B 283 -23.10 7.65 4.62
C SER B 283 -24.51 7.52 4.09
N GLU B 284 -24.64 7.24 2.80
CA GLU B 284 -25.94 7.10 2.18
C GLU B 284 -26.64 5.78 2.42
N ASN B 285 -25.93 4.83 3.03
CA ASN B 285 -26.54 3.52 3.28
C ASN B 285 -26.63 3.16 4.74
N ASP B 286 -27.75 2.55 5.11
CA ASP B 286 -28.00 2.17 6.49
C ASP B 286 -28.35 0.69 6.55
N ASP B 287 -28.50 0.18 7.77
CA ASP B 287 -28.85 -1.22 8.00
C ASP B 287 -28.15 -2.17 7.03
N LEU B 288 -26.83 -2.07 6.97
CA LEU B 288 -26.03 -2.91 6.08
C LEU B 288 -25.85 -4.35 6.53
N THR B 289 -25.71 -5.25 5.56
CA THR B 289 -25.46 -6.66 5.82
C THR B 289 -24.09 -6.89 5.19
N LEU B 290 -23.43 -7.99 5.53
CA LEU B 290 -22.13 -8.25 4.95
C LEU B 290 -22.28 -8.30 3.43
N GLU B 291 -23.30 -9.02 2.97
CA GLU B 291 -23.56 -9.15 1.53
C GLU B 291 -23.70 -7.81 0.83
N ARG B 292 -24.50 -6.91 1.40
CA ARG B 292 -24.71 -5.60 0.81
C ARG B 292 -23.42 -4.77 0.86
N PHE B 293 -22.66 -4.98 1.91
CA PHE B 293 -21.39 -4.30 2.14
C PHE B 293 -20.40 -4.63 1.02
N ALA B 295 -21.17 -5.83 -1.94
CA ALA B 295 -21.73 -5.31 -3.17
C ALA B 295 -21.33 -3.85 -3.42
N LEU B 296 -21.33 -3.04 -2.37
CA LEU B 296 -20.95 -1.64 -2.49
C LEU B 296 -19.47 -1.50 -2.86
N GLN B 297 -18.66 -2.47 -2.45
CA GLN B 297 -17.22 -2.43 -2.74
C GLN B 297 -16.95 -2.55 -4.23
N PHE B 298 -17.88 -3.15 -4.97
CA PHE B 298 -17.71 -3.35 -6.41
C PHE B 298 -18.01 -2.12 -7.27
N SER B 299 -18.38 -1.00 -6.65
CA SER B 299 -18.72 0.21 -7.39
C SER B 299 -17.66 0.63 -8.39
N HIS B 300 -18.09 0.93 -9.61
CA HIS B 300 -17.18 1.34 -10.68
C HIS B 300 -17.76 2.50 -11.48
N ARG B 301 -18.20 3.53 -10.75
CA ARG B 301 -18.81 4.72 -11.33
C ARG B 301 -17.86 5.72 -11.97
N ALA B 302 -18.23 6.19 -13.16
CA ALA B 302 -17.41 7.16 -13.88
C ALA B 302 -17.86 8.55 -13.41
N VAL B 303 -17.65 8.84 -12.13
CA VAL B 303 -18.02 10.12 -11.53
C VAL B 303 -17.58 11.33 -12.35
N ALA B 305 -17.56 11.68 -15.39
CA ALA B 305 -18.54 11.89 -16.44
C ALA B 305 -19.70 12.71 -15.89
N ASP B 306 -20.27 12.26 -14.78
CA ASP B 306 -21.37 12.96 -14.13
C ASP B 306 -21.02 14.41 -13.88
N ARG B 307 -19.74 14.71 -13.73
CA ARG B 307 -19.31 16.08 -13.47
C ARG B 307 -19.08 16.91 -14.74
N THR B 308 -18.86 16.24 -15.87
CA THR B 308 -18.57 16.97 -17.09
C THR B 308 -19.42 16.76 -18.35
N LEU B 309 -19.92 15.55 -18.56
CA LEU B 309 -20.73 15.29 -19.75
C LEU B 309 -21.88 16.27 -20.01
N PRO B 310 -22.62 16.70 -18.96
CA PRO B 310 -23.73 17.63 -19.16
C PRO B 310 -23.31 18.92 -19.89
N ASP B 311 -22.07 19.35 -19.68
CA ASP B 311 -21.59 20.56 -20.32
C ASP B 311 -20.88 20.29 -21.64
N LEU B 312 -20.23 19.13 -21.73
CA LEU B 312 -19.49 18.77 -22.93
C LEU B 312 -20.38 18.38 -24.10
N ILE B 313 -21.23 17.38 -23.87
CA ILE B 313 -22.14 16.86 -24.89
C ILE B 313 -22.84 17.93 -25.73
N PRO B 314 -23.55 18.86 -25.09
CA PRO B 314 -24.22 19.88 -25.92
C PRO B 314 -23.24 20.65 -26.82
N ALA B 315 -22.17 21.15 -26.23
CA ALA B 315 -21.17 21.92 -26.98
C ALA B 315 -20.54 21.13 -28.11
N ALA B 316 -20.30 19.84 -27.88
CA ALA B 316 -19.69 19.01 -28.90
C ALA B 316 -20.62 18.74 -30.07
N LEU B 317 -21.92 18.83 -29.83
CA LEU B 317 -22.89 18.57 -30.88
C LEU B 317 -22.99 19.64 -31.94
N ILE B 318 -22.59 20.85 -31.61
CA ILE B 318 -22.64 21.96 -32.56
C ILE B 318 -21.37 22.08 -33.40
N ASP B 319 -20.44 21.15 -33.20
CA ASP B 319 -19.20 21.17 -33.95
C ASP B 319 -19.50 20.58 -35.34
N PRO B 320 -18.97 21.21 -36.40
CA PRO B 320 -19.19 20.76 -37.78
C PRO B 320 -18.69 19.34 -38.10
N ASP B 321 -17.65 18.89 -37.40
CA ASP B 321 -17.11 17.55 -37.65
C ASP B 321 -18.11 16.47 -37.27
N PRO B 322 -18.69 15.78 -38.26
CA PRO B 322 -19.68 14.73 -38.04
C PRO B 322 -19.20 13.58 -37.13
N GLU B 323 -17.89 13.38 -37.05
CA GLU B 323 -17.34 12.34 -36.19
C GLU B 323 -17.38 12.80 -34.73
N VAL B 324 -17.22 14.09 -34.53
CA VAL B 324 -17.25 14.66 -33.19
C VAL B 324 -18.67 14.54 -32.67
N GLN B 325 -19.63 14.72 -33.58
CA GLN B 325 -21.04 14.63 -33.23
C GLN B 325 -21.40 13.20 -32.85
N ALA B 326 -20.94 12.25 -33.65
CA ALA B 326 -21.19 10.84 -33.39
C ALA B 326 -20.58 10.46 -32.03
N ALA B 327 -19.39 10.99 -31.77
CA ALA B 327 -18.71 10.72 -30.52
C ALA B 327 -19.55 11.26 -29.36
N ALA B 328 -20.09 12.46 -29.55
CA ALA B 328 -20.92 13.07 -28.52
C ALA B 328 -22.17 12.23 -28.21
N ARG B 329 -22.76 11.63 -29.24
CA ARG B 329 -23.95 10.84 -29.02
C ARG B 329 -23.59 9.52 -28.34
N LEU B 330 -22.42 8.98 -28.69
CA LEU B 330 -21.95 7.73 -28.08
C LEU B 330 -21.76 7.92 -26.57
N LEU B 331 -21.07 9.00 -26.20
CA LEU B 331 -20.82 9.31 -24.80
C LEU B 331 -22.12 9.58 -24.06
N ALA B 332 -22.99 10.38 -24.65
CA ALA B 332 -24.27 10.74 -24.02
C ALA B 332 -25.19 9.55 -23.76
N ALA B 333 -25.00 8.46 -24.51
CA ALA B 333 -25.85 7.29 -24.35
C ALA B 333 -25.32 6.30 -23.33
N TRP B 334 -24.12 6.58 -22.82
CA TRP B 334 -23.45 5.72 -21.86
C TRP B 334 -24.04 5.82 -20.45
N ASP B 335 -24.17 4.69 -19.76
CA ASP B 335 -24.72 4.71 -18.42
C ASP B 335 -23.67 5.12 -17.38
N ARG B 336 -22.55 5.62 -17.87
CA ARG B 336 -21.46 6.12 -17.04
C ARG B 336 -20.87 5.13 -16.03
N ASP B 337 -20.89 3.85 -16.36
CA ASP B 337 -20.33 2.84 -15.48
C ASP B 337 -19.27 2.04 -16.26
N PHE B 338 -18.12 1.79 -15.63
CA PHE B 338 -17.04 1.05 -16.27
C PHE B 338 -17.30 -0.45 -16.34
N THR B 339 -18.23 -0.86 -17.20
CA THR B 339 -18.52 -2.28 -17.36
C THR B 339 -17.77 -2.85 -18.55
N SER B 340 -17.69 -4.17 -18.64
CA SER B 340 -16.97 -4.82 -19.73
C SER B 340 -17.52 -4.47 -21.10
N ASP B 341 -18.84 -4.31 -21.19
CA ASP B 341 -19.51 -4.02 -22.46
C ASP B 341 -19.64 -2.55 -22.86
N SER B 342 -19.08 -1.64 -22.08
CA SER B 342 -19.17 -0.22 -22.40
C SER B 342 -18.40 0.15 -23.66
N ARG B 343 -19.12 0.68 -24.65
CA ARG B 343 -18.51 1.09 -25.91
C ARG B 343 -18.07 2.55 -25.84
N ALA B 344 -18.44 3.24 -24.77
CA ALA B 344 -18.07 4.64 -24.61
C ALA B 344 -16.91 4.86 -23.65
N ALA B 345 -16.75 3.95 -22.69
CA ALA B 345 -15.70 4.08 -21.68
C ALA B 345 -14.31 4.52 -22.14
N LEU B 346 -13.68 3.75 -23.02
CA LEU B 346 -12.34 4.07 -23.51
C LEU B 346 -12.26 5.49 -24.05
N LEU B 347 -13.18 5.84 -24.95
CA LEU B 347 -13.21 7.19 -25.51
C LEU B 347 -13.26 8.24 -24.39
N PHE B 348 -14.07 7.98 -23.36
CA PHE B 348 -14.18 8.92 -22.25
C PHE B 348 -12.86 9.13 -21.51
N GLU B 349 -12.12 8.05 -21.26
CA GLU B 349 -10.83 8.16 -20.58
C GLU B 349 -9.91 9.08 -21.37
N GLU B 350 -9.74 8.78 -22.66
CA GLU B 350 -8.88 9.57 -23.53
C GLU B 350 -9.22 11.05 -23.46
N TRP B 351 -10.49 11.36 -23.31
CA TRP B 351 -10.88 12.76 -23.21
C TRP B 351 -10.39 13.29 -21.86
N ALA B 352 -10.69 12.55 -20.80
CA ALA B 352 -10.29 12.94 -19.46
C ALA B 352 -8.79 13.17 -19.35
N ARG B 353 -8.00 12.34 -20.03
CA ARG B 353 -6.56 12.49 -19.99
C ARG B 353 -6.16 13.90 -20.37
N LEU B 354 -6.84 14.47 -21.35
CA LEU B 354 -6.55 15.82 -21.82
C LEU B 354 -7.23 16.89 -20.98
N PHE B 355 -8.44 16.60 -20.53
CA PHE B 355 -9.21 17.53 -19.72
C PHE B 355 -8.69 17.67 -18.30
N ALA B 356 -8.13 16.59 -17.76
CA ALA B 356 -7.64 16.62 -16.38
C ALA B 356 -6.20 16.15 -16.17
N GLY B 357 -5.41 16.13 -17.24
CA GLY B 357 -4.03 15.68 -17.11
C GLY B 357 -3.94 14.16 -17.14
N GLN B 358 -2.75 13.63 -17.36
CA GLN B 358 -2.57 12.17 -17.44
C GLN B 358 -2.95 11.35 -16.21
N ASN B 359 -2.84 11.95 -15.03
CA ASN B 359 -3.19 11.24 -13.81
C ASN B 359 -4.65 11.51 -13.42
N PHE B 360 -5.33 12.31 -14.24
CA PHE B 360 -6.74 12.66 -14.04
C PHE B 360 -7.01 13.53 -12.82
N ALA B 361 -5.96 14.04 -12.20
CA ALA B 361 -6.11 14.86 -11.00
C ALA B 361 -6.22 16.36 -11.27
N GLY B 362 -5.94 16.77 -12.51
CA GLY B 362 -6.01 18.19 -12.86
C GLY B 362 -7.33 18.85 -12.50
N GLN B 363 -7.27 20.10 -12.04
CA GLN B 363 -8.47 20.83 -11.63
C GLN B 363 -8.80 22.06 -12.47
N ALA B 364 -7.80 22.67 -13.07
CA ALA B 364 -7.96 23.89 -13.87
C ALA B 364 -9.06 23.92 -14.95
N ALA B 365 -9.66 22.78 -15.27
CA ALA B 365 -10.68 22.80 -16.31
C ALA B 365 -12.13 22.72 -15.84
N PHE B 366 -12.36 22.77 -14.52
CA PHE B 366 -13.72 22.70 -14.02
C PHE B 366 -14.29 24.09 -13.86
N ALA B 367 -15.62 24.19 -13.93
CA ALA B 367 -16.29 25.47 -13.78
C ALA B 367 -16.37 25.85 -12.31
N THR B 368 -16.71 24.88 -11.48
CA THR B 368 -16.82 25.11 -10.05
C THR B 368 -15.74 24.34 -9.32
N PRO B 369 -14.83 25.04 -8.64
CA PRO B 369 -13.73 24.42 -7.90
C PRO B 369 -14.20 23.64 -6.68
N TRP B 370 -13.36 22.70 -6.26
CA TRP B 370 -13.63 21.86 -5.11
C TRP B 370 -13.74 22.73 -3.86
N SER B 371 -14.53 22.28 -2.90
CA SER B 371 -14.69 23.00 -1.65
C SER B 371 -14.91 22.01 -0.52
N LEU B 372 -14.24 22.23 0.60
CA LEU B 372 -14.39 21.34 1.74
C LEU B 372 -15.81 21.44 2.25
N ASP B 373 -16.53 22.48 1.83
CA ASP B 373 -17.91 22.65 2.27
C ASP B 373 -18.87 21.78 1.48
N LYS B 374 -18.42 21.32 0.32
CA LYS B 374 -19.20 20.42 -0.52
C LYS B 374 -18.19 19.39 -1.01
N PRO B 375 -17.59 18.66 -0.06
CA PRO B 375 -16.58 17.62 -0.28
C PRO B 375 -16.91 16.46 -1.21
N VAL B 376 -18.19 16.14 -1.36
CA VAL B 376 -18.54 15.03 -2.24
C VAL B 376 -19.33 15.42 -3.50
N SER B 377 -19.35 16.71 -3.82
CA SER B 377 -20.08 17.17 -5.01
C SER B 377 -19.37 18.28 -5.75
N THR B 378 -18.06 18.39 -5.54
CA THR B 378 -17.23 19.39 -6.23
C THR B 378 -15.88 18.74 -6.54
N PRO B 379 -15.18 19.21 -7.59
CA PRO B 379 -15.54 20.27 -8.53
C PRO B 379 -16.62 19.80 -9.48
N TYR B 380 -17.20 20.74 -10.24
CA TYR B 380 -18.26 20.41 -11.19
C TYR B 380 -18.24 21.26 -12.46
N GLY B 381 -18.75 20.67 -13.53
CA GLY B 381 -18.85 21.38 -14.80
C GLY B 381 -17.57 21.67 -15.55
N VAL B 382 -17.74 22.07 -16.81
CA VAL B 382 -16.63 22.40 -17.71
C VAL B 382 -16.51 23.91 -17.82
N ARG B 383 -15.33 24.45 -17.52
CA ARG B 383 -15.13 25.89 -17.59
C ARG B 383 -15.15 26.45 -19.00
N ASP B 384 -14.42 25.80 -19.92
CA ASP B 384 -14.34 26.25 -21.30
C ASP B 384 -14.84 25.15 -22.23
N PRO B 385 -16.15 25.07 -22.43
CA PRO B 385 -16.67 24.02 -23.31
C PRO B 385 -16.03 24.04 -24.70
N LYS B 386 -15.76 25.25 -25.21
CA LYS B 386 -15.14 25.40 -26.53
C LYS B 386 -13.84 24.60 -26.59
N ALA B 387 -12.91 24.92 -25.70
CA ALA B 387 -11.62 24.24 -25.64
C ALA B 387 -11.82 22.76 -25.39
N ALA B 388 -12.72 22.44 -24.46
CA ALA B 388 -13.02 21.07 -24.09
C ALA B 388 -13.37 20.21 -25.29
N VAL B 389 -14.05 20.80 -26.27
CA VAL B 389 -14.44 20.07 -27.47
C VAL B 389 -13.22 19.79 -28.35
N ASP B 390 -12.29 20.75 -28.41
CA ASP B 390 -11.08 20.53 -29.20
C ASP B 390 -10.37 19.33 -28.58
N GLN B 391 -10.32 19.30 -27.26
CA GLN B 391 -9.70 18.20 -26.55
C GLN B 391 -10.40 16.90 -26.96
N LEU B 392 -11.72 16.96 -27.12
CA LEU B 392 -12.47 15.76 -27.52
C LEU B 392 -12.10 15.38 -28.94
N ARG B 393 -11.90 16.38 -29.79
CA ARG B 393 -11.52 16.13 -31.17
C ARG B 393 -10.26 15.29 -31.20
N THR B 394 -9.31 15.67 -30.36
CA THR B 394 -8.03 14.98 -30.24
C THR B 394 -8.22 13.59 -29.66
N ALA B 395 -9.03 13.49 -28.61
CA ALA B 395 -9.28 12.21 -27.96
C ALA B 395 -9.82 11.17 -28.96
N ILE B 396 -10.61 11.64 -29.92
CA ILE B 396 -11.17 10.76 -30.92
C ILE B 396 -10.04 10.15 -31.74
N ALA B 397 -9.04 10.95 -32.06
CA ALA B 397 -7.90 10.45 -32.83
C ALA B 397 -7.14 9.48 -31.94
N ASN B 398 -6.78 9.94 -30.75
CA ASN B 398 -6.04 9.11 -29.80
C ASN B 398 -6.73 7.78 -29.50
N THR B 399 -8.06 7.79 -29.40
CA THR B 399 -8.77 6.55 -29.11
C THR B 399 -8.70 5.56 -30.27
N LYS B 400 -8.91 6.05 -31.48
CA LYS B 400 -8.87 5.20 -32.68
C LYS B 400 -7.46 4.64 -32.84
N ARG B 401 -6.48 5.51 -32.67
CA ARG B 401 -5.08 5.13 -32.79
C ARG B 401 -4.70 4.04 -31.79
N LYS B 402 -5.17 4.19 -30.54
CA LYS B 402 -4.85 3.22 -29.51
C LYS B 402 -5.62 1.92 -29.55
N TYR B 403 -6.93 2.00 -29.79
CA TYR B 403 -7.74 0.78 -29.78
C TYR B 403 -8.33 0.33 -31.11
N GLY B 404 -8.20 1.14 -32.15
CA GLY B 404 -8.71 0.75 -33.46
C GLY B 404 -10.12 1.19 -33.83
N ALA B 405 -10.78 1.91 -32.92
CA ALA B 405 -12.15 2.41 -33.14
C ALA B 405 -12.52 3.29 -31.95
N ILE B 406 -13.56 4.11 -32.10
CA ILE B 406 -13.95 4.96 -30.99
C ILE B 406 -14.97 4.24 -30.12
N ASP B 407 -15.48 3.12 -30.60
CA ASP B 407 -16.49 2.38 -29.84
C ASP B 407 -16.14 0.93 -29.54
N ARG B 408 -14.89 0.67 -29.19
CA ARG B 408 -14.49 -0.69 -28.86
C ARG B 408 -14.88 -1.04 -27.43
N PRO B 409 -15.44 -2.24 -27.22
CA PRO B 409 -15.87 -2.70 -25.89
C PRO B 409 -14.76 -2.64 -24.85
N PHE B 410 -15.04 -1.94 -23.74
CA PHE B 410 -14.09 -1.79 -22.63
C PHE B 410 -13.42 -3.11 -22.26
N GLY B 411 -14.22 -4.15 -22.04
CA GLY B 411 -13.70 -5.45 -21.67
C GLY B 411 -13.04 -6.24 -22.78
N ASP B 412 -12.97 -5.65 -23.96
CA ASP B 412 -12.31 -6.33 -25.07
C ASP B 412 -10.88 -5.82 -25.12
N ALA B 413 -10.68 -4.58 -24.70
CA ALA B 413 -9.35 -4.00 -24.68
C ALA B 413 -8.75 -4.19 -23.29
N SER B 414 -9.60 -4.10 -22.26
CA SER B 414 -9.17 -4.27 -20.87
C SER B 414 -9.30 -5.73 -20.42
N ARG B 415 -8.17 -6.41 -20.29
CA ARG B 415 -8.14 -7.81 -19.90
C ARG B 415 -7.26 -8.02 -18.68
N ILE B 417 -4.80 -10.75 -17.49
CA ILE B 417 -4.07 -11.93 -17.95
C ILE B 417 -2.93 -12.41 -17.06
N LEU B 418 -3.07 -13.63 -16.55
CA LEU B 418 -2.04 -14.25 -15.72
C LEU B 418 -1.84 -15.64 -16.30
N ASN B 419 -0.58 -16.02 -16.53
CA ASN B 419 -0.25 -17.30 -17.13
C ASN B 419 -1.09 -17.49 -18.39
N ASP B 420 -1.88 -18.56 -18.44
CA ASP B 420 -2.71 -18.85 -19.60
C ASP B 420 -4.17 -18.45 -19.41
N VAL B 421 -4.46 -17.80 -18.29
CA VAL B 421 -5.83 -17.36 -18.00
C VAL B 421 -6.02 -15.94 -18.51
N ASN B 422 -7.01 -15.78 -19.37
CA ASN B 422 -7.31 -14.48 -19.98
C ASN B 422 -8.80 -14.19 -19.82
N VAL B 423 -9.13 -13.25 -18.94
CA VAL B 423 -10.53 -12.90 -18.69
C VAL B 423 -10.82 -11.42 -18.92
N PRO B 424 -12.11 -11.08 -19.16
CA PRO B 424 -12.53 -9.69 -19.39
C PRO B 424 -12.43 -8.80 -18.16
N GLY B 425 -12.05 -7.54 -18.37
CA GLY B 425 -11.92 -6.62 -17.26
C GLY B 425 -13.10 -5.68 -17.05
N ALA B 426 -13.18 -5.12 -15.84
CA ALA B 426 -14.23 -4.18 -15.45
C ALA B 426 -13.66 -3.24 -14.40
N ALA B 427 -14.31 -2.11 -14.17
CA ALA B 427 -13.83 -1.12 -13.21
C ALA B 427 -12.56 -0.50 -13.76
N GLY B 428 -12.06 0.54 -13.12
CA GLY B 428 -10.85 1.16 -13.64
C GLY B 428 -10.24 2.24 -12.79
N TYR B 429 -9.71 3.27 -13.42
CA TYR B 429 -9.06 4.36 -12.73
C TYR B 429 -9.82 4.99 -11.56
N GLY B 430 -9.18 4.98 -10.40
CA GLY B 430 -9.78 5.54 -9.20
C GLY B 430 -10.03 7.05 -9.28
N ASN B 431 -9.15 7.78 -9.94
CA ASN B 431 -9.32 9.22 -10.05
C ASN B 431 -10.49 9.67 -10.91
N LEU B 432 -11.07 8.74 -11.66
CA LEU B 432 -12.24 9.03 -12.49
C LEU B 432 -13.49 8.70 -11.67
N GLY B 433 -13.27 8.21 -10.45
CA GLY B 433 -14.37 7.89 -9.55
C GLY B 433 -14.64 6.43 -9.22
N SER B 434 -13.92 5.51 -9.86
CA SER B 434 -14.12 4.08 -9.62
C SER B 434 -13.65 3.66 -8.23
N PHE B 435 -14.55 3.14 -7.40
CA PHE B 435 -14.16 2.72 -6.06
C PHE B 435 -13.29 1.49 -6.13
N ARG B 436 -13.74 0.50 -6.90
CA ARG B 436 -12.95 -0.71 -7.08
C ARG B 436 -11.93 -0.24 -8.12
N VAL B 437 -10.64 -0.50 -7.88
CA VAL B 437 -9.63 0.03 -8.78
C VAL B 437 -8.79 -0.93 -9.61
N PHE B 438 -8.56 -0.53 -10.85
CA PHE B 438 -7.75 -1.27 -11.79
C PHE B 438 -7.08 -0.25 -12.69
N THR B 439 -5.86 0.14 -12.33
CA THR B 439 -5.11 1.12 -13.12
C THR B 439 -4.59 0.46 -14.38
N TRP B 440 -5.41 0.47 -15.43
CA TRP B 440 -5.02 -0.16 -16.68
C TRP B 440 -3.74 0.44 -17.26
N SER B 441 -2.94 -0.42 -17.87
CA SER B 441 -1.69 0.01 -18.47
C SER B 441 -1.96 0.60 -19.84
N ASP B 442 -0.91 1.05 -20.54
CA ASP B 442 -1.10 1.56 -21.88
C ASP B 442 -1.39 0.30 -22.69
N PRO B 443 -2.03 0.44 -23.85
CA PRO B 443 -2.34 -0.73 -24.67
C PRO B 443 -1.18 -1.16 -25.54
N ASP B 444 -1.14 -2.44 -25.90
CA ASP B 444 -0.07 -2.92 -26.77
C ASP B 444 -0.46 -2.64 -28.21
N GLU B 445 0.34 -3.12 -29.15
CA GLU B 445 0.07 -2.91 -30.57
C GLU B 445 -1.36 -3.27 -30.97
N ASN B 446 -1.98 -4.20 -30.24
CA ASN B 446 -3.34 -4.64 -30.56
C ASN B 446 -4.43 -4.09 -29.64
N GLY B 447 -4.12 -2.99 -28.96
CA GLY B 447 -5.08 -2.38 -28.05
C GLY B 447 -5.41 -3.16 -26.79
N ILE B 448 -4.58 -4.15 -26.45
CA ILE B 448 -4.84 -4.92 -25.24
C ILE B 448 -4.07 -4.33 -24.06
N ARG B 449 -4.73 -4.24 -22.91
CA ARG B 449 -4.10 -3.69 -21.72
C ARG B 449 -4.51 -4.50 -20.49
N THR B 450 -3.67 -4.48 -19.46
CA THR B 450 -3.96 -5.19 -18.22
C THR B 450 -3.62 -4.33 -17.00
N PRO B 451 -4.09 -4.73 -15.81
CA PRO B 451 -3.84 -4.00 -14.56
C PRO B 451 -2.36 -3.90 -14.22
N VAL B 452 -1.89 -2.70 -13.91
CA VAL B 452 -0.50 -2.51 -13.55
C VAL B 452 -0.44 -2.25 -12.06
N HIS B 453 -1.55 -1.75 -11.53
CA HIS B 453 -1.72 -1.40 -10.13
C HIS B 453 -3.22 -1.44 -9.82
N GLY B 454 -3.58 -1.59 -8.54
CA GLY B 454 -5.00 -1.63 -8.17
C GLY B 454 -5.37 -2.68 -7.12
N GLU B 455 -6.56 -3.25 -7.26
CA GLU B 455 -7.04 -4.27 -6.32
C GLU B 455 -6.01 -5.38 -6.19
N THR B 456 -5.75 -5.78 -4.96
CA THR B 456 -4.80 -6.86 -4.70
C THR B 456 -5.46 -7.79 -3.68
N TRP B 457 -5.29 -7.47 -2.39
CA TRP B 457 -5.91 -8.24 -1.32
C TRP B 457 -7.24 -7.55 -1.01
N VAL B 458 -8.33 -8.30 -1.08
CA VAL B 458 -9.64 -7.72 -0.79
C VAL B 458 -10.41 -8.64 0.13
N ALA B 459 -10.72 -8.15 1.32
CA ALA B 459 -11.48 -8.94 2.28
C ALA B 459 -12.50 -8.04 2.95
N ILE B 461 -15.00 -8.37 6.44
CA ILE B 461 -15.31 -9.17 7.62
C ILE B 461 -16.45 -8.64 8.48
N GLU B 462 -17.31 -9.55 8.93
CA GLU B 462 -18.40 -9.17 9.82
C GLU B 462 -18.04 -9.80 11.16
N PHE B 463 -17.89 -8.95 12.18
CA PHE B 463 -17.51 -9.44 13.49
C PHE B 463 -18.63 -10.05 14.31
N SER B 464 -19.22 -11.10 13.75
CA SER B 464 -20.29 -11.83 14.42
C SER B 464 -19.63 -12.95 15.22
N THR B 465 -20.43 -13.78 15.87
CA THR B 465 -19.87 -14.86 16.67
C THR B 465 -20.41 -16.23 16.29
N PRO B 466 -19.59 -17.02 15.57
CA PRO B 466 -18.23 -16.67 15.14
C PRO B 466 -18.21 -15.70 13.96
N VAL B 467 -17.07 -15.06 13.73
CA VAL B 467 -16.95 -14.12 12.64
C VAL B 467 -17.11 -14.77 11.28
N ARG B 468 -17.51 -13.97 10.28
CA ARG B 468 -17.68 -14.43 8.91
C ARG B 468 -16.85 -13.53 7.99
N ALA B 469 -16.14 -14.11 7.03
CA ALA B 469 -15.31 -13.30 6.15
C ALA B 469 -15.09 -13.89 4.75
N TYR B 470 -14.93 -13.01 3.77
CA TYR B 470 -14.69 -13.40 2.39
C TYR B 470 -13.51 -12.60 1.85
N GLY B 471 -12.81 -13.15 0.86
CA GLY B 471 -11.68 -12.43 0.30
C GLY B 471 -11.19 -12.98 -1.01
N LEU B 472 -10.20 -12.31 -1.58
CA LEU B 472 -9.61 -12.71 -2.84
C LEU B 472 -8.29 -12.01 -3.07
N SER B 474 -5.91 -11.01 -6.11
CA SER B 474 -5.84 -10.89 -7.56
C SER B 474 -4.80 -11.79 -8.19
N TYR B 475 -3.57 -11.71 -7.68
CA TYR B 475 -2.46 -12.48 -8.21
C TYR B 475 -2.08 -13.75 -7.42
N GLY B 476 -3.07 -14.44 -6.89
CA GLY B 476 -2.80 -15.66 -6.15
C GLY B 476 -1.89 -15.53 -4.94
N ASN B 477 -1.66 -16.66 -4.26
CA ASN B 477 -0.85 -16.70 -3.05
C ASN B 477 0.61 -17.12 -3.27
N SER B 478 1.04 -17.20 -4.53
CA SER B 478 2.42 -17.60 -4.81
C SER B 478 2.93 -17.13 -6.15
N ARG B 479 4.24 -16.88 -6.24
CA ARG B 479 4.87 -16.44 -7.47
C ARG B 479 6.13 -17.25 -7.78
N GLN B 480 6.26 -18.41 -7.16
CA GLN B 480 7.42 -19.27 -7.40
C GLN B 480 7.21 -19.94 -8.75
N PRO B 481 8.24 -19.89 -9.61
CA PRO B 481 8.15 -20.50 -10.94
C PRO B 481 7.49 -21.88 -10.92
N GLY B 482 6.45 -22.05 -11.73
CA GLY B 482 5.76 -23.33 -11.81
C GLY B 482 4.67 -23.60 -10.79
N THR B 483 4.32 -22.61 -9.99
CA THR B 483 3.27 -22.79 -9.01
C THR B 483 1.90 -22.75 -9.70
N THR B 484 0.95 -23.50 -9.16
CA THR B 484 -0.39 -23.52 -9.72
C THR B 484 -1.22 -22.46 -9.01
N HIS B 485 -0.61 -21.81 -8.03
CA HIS B 485 -1.33 -20.80 -7.26
C HIS B 485 -1.05 -19.34 -7.56
N TYR B 486 -0.78 -19.03 -8.82
CA TYR B 486 -0.51 -17.66 -9.22
C TYR B 486 -1.70 -17.07 -9.98
N SER B 487 -2.25 -17.83 -10.92
CA SER B 487 -3.37 -17.35 -11.74
C SER B 487 -4.68 -18.08 -11.49
N ASP B 488 -4.78 -18.77 -10.35
CA ASP B 488 -5.99 -19.52 -10.04
C ASP B 488 -7.05 -18.76 -9.25
N GLN B 489 -6.97 -17.43 -9.24
CA GLN B 489 -7.96 -16.63 -8.52
C GLN B 489 -8.45 -15.48 -9.40
N ILE B 490 -7.65 -15.13 -10.40
CA ILE B 490 -7.99 -14.05 -11.30
C ILE B 490 -9.33 -14.25 -11.98
N GLU B 491 -9.70 -15.51 -12.22
CA GLU B 491 -10.97 -15.82 -12.88
C GLU B 491 -12.12 -15.43 -11.97
N ARG B 492 -11.97 -15.70 -10.68
CA ARG B 492 -13.02 -15.35 -9.72
C ARG B 492 -13.08 -13.84 -9.52
N VAL B 493 -11.94 -13.16 -9.69
CA VAL B 493 -11.90 -11.72 -9.52
C VAL B 493 -12.74 -11.08 -10.63
N SER B 494 -12.62 -11.61 -11.85
CA SER B 494 -13.35 -11.08 -12.99
C SER B 494 -14.86 -11.19 -12.81
N ARG B 495 -15.30 -12.08 -11.92
CA ARG B 495 -16.73 -12.24 -11.66
C ARG B 495 -17.10 -11.80 -10.24
N ALA B 496 -16.12 -11.32 -9.48
CA ALA B 496 -16.34 -10.90 -8.11
C ALA B 496 -16.92 -12.05 -7.28
N ASP B 497 -16.41 -13.25 -7.54
CA ASP B 497 -16.85 -14.44 -6.82
C ASP B 497 -15.85 -14.72 -5.70
N PHE B 498 -16.08 -14.10 -4.55
CA PHE B 498 -15.17 -14.23 -3.40
C PHE B 498 -15.16 -15.54 -2.61
N ARG B 499 -13.98 -15.87 -2.09
CA ARG B 499 -13.75 -17.07 -1.29
C ARG B 499 -14.14 -16.79 0.16
N GLU B 500 -14.78 -17.77 0.81
CA GLU B 500 -15.10 -17.60 2.21
C GLU B 500 -13.80 -17.90 2.94
N LEU B 501 -13.38 -16.99 3.82
CA LEU B 501 -12.14 -17.17 4.56
C LEU B 501 -12.35 -18.13 5.72
N LEU B 502 -11.48 -19.14 5.83
CA LEU B 502 -11.59 -20.16 6.85
C LEU B 502 -10.71 -19.97 8.10
N LEU B 503 -11.37 -19.78 9.24
CA LEU B 503 -10.69 -19.60 10.52
C LEU B 503 -10.92 -20.79 11.46
N ARG B 504 -12.14 -21.32 11.49
CA ARG B 504 -12.45 -22.45 12.37
C ARG B 504 -11.78 -23.77 11.99
N ARG B 505 -11.20 -24.42 12.99
CA ARG B 505 -10.51 -25.69 12.79
C ARG B 505 -11.25 -26.71 11.92
N GLU B 506 -12.55 -26.88 12.14
CA GLU B 506 -13.32 -27.83 11.36
C GLU B 506 -13.30 -27.48 9.88
N GLN B 507 -13.54 -26.20 9.58
CA GLN B 507 -13.53 -25.72 8.22
C GLN B 507 -12.20 -26.00 7.54
N VAL B 508 -11.12 -25.62 8.22
CA VAL B 508 -9.78 -25.82 7.70
C VAL B 508 -9.54 -27.29 7.35
N GLU B 509 -9.92 -28.18 8.26
CA GLU B 509 -9.76 -29.60 8.05
C GLU B 509 -10.55 -30.12 6.86
N ALA B 510 -11.70 -29.50 6.62
CA ALA B 510 -12.56 -29.90 5.53
C ALA B 510 -12.01 -29.53 4.15
N ALA B 511 -11.19 -28.48 4.09
CA ALA B 511 -10.64 -28.03 2.81
C ALA B 511 -9.15 -28.27 2.61
N VAL B 512 -8.53 -29.04 3.49
CA VAL B 512 -7.10 -29.29 3.41
C VAL B 512 -6.66 -30.14 2.21
N GLN B 513 -5.65 -29.64 1.49
CA GLN B 513 -5.11 -30.32 0.32
C GLN B 513 -3.65 -30.73 0.50
N GLU B 514 -3.08 -30.45 1.66
CA GLU B 514 -1.69 -30.79 1.90
C GLU B 514 -1.29 -30.54 3.34
N ARG B 515 -0.77 -31.58 4.00
CA ARG B 515 -0.33 -31.47 5.39
C ARG B 515 1.19 -31.43 5.46
N THR B 516 1.72 -30.43 6.16
CA THR B 516 3.16 -30.29 6.32
C THR B 516 3.53 -30.26 7.81
N PRO B 517 3.86 -31.42 8.38
CA PRO B 517 4.22 -31.45 9.80
C PRO B 517 5.61 -30.84 9.94
N PHE B 518 5.94 -30.35 11.13
CA PHE B 518 7.26 -29.76 11.34
C PHE B 518 7.64 -29.67 12.80
N ASN B 519 8.96 -29.57 13.06
CA ASN B 519 9.49 -29.45 14.40
C ASN B 519 10.47 -28.29 14.46
N PHE B 520 10.36 -27.47 15.50
CA PHE B 520 11.28 -26.34 15.64
C PHE B 520 12.22 -26.55 16.82
#